data_3Q68
#
_entry.id   3Q68
#
_cell.length_a   90.988
_cell.length_b   98.056
_cell.length_c   171.366
_cell.angle_alpha   90.00
_cell.angle_beta   90.00
_cell.angle_gamma   90.00
#
_symmetry.space_group_name_H-M   'P 21 21 21'
#
loop_
_entity.id
_entity.type
_entity.pdbx_description
1 polymer 'Vacuolar protein sorting-associated protein 75 (VPS75)'
2 polymer 'Histone acetyltransferase RTT109'
3 water water
#
loop_
_entity_poly.entity_id
_entity_poly.type
_entity_poly.pdbx_seq_one_letter_code
_entity_poly.pdbx_strand_id
1 'polypeptide(L)'
;MMSDQENENEHAKAFLGLAKCEEEVDAIEREVELYRLNKMKPVYEKRDAYIDEIAEFWKIVLSQHVSFANYIRASDFKYI
DTIDKIKVEWLALESEMYDTRDFSITFHFHGIEGDFKEQQVTKVFQIKKGKDDQEDGILTSEPVPIEWPQSYDSINPDLI
KDKRSPEGKKKYRQGMKTIFGWFRWTGLKPGKEFPHGDSLASLFSEEIYPFCVKYYAEAQRDLEDEEGESGLSADGDSED
DDGSLGEVDLPLSDEEPSSKKRKV
;
A,B
2 'polypeptide(L)'
;GMDPNSMSLNDFLSSVLPVSEQFEYLSLQSIPLETHAVVTPNKDDKRVPKSTIKTQHFFSLFHQGKVFFSLEVYVYVTLW
DEADAERLIFVSKADTNGYCNTRVSVRDITKIILEFILSIDPNYYLQKVKPAIRSYKKISPELISAASTPARTLRILARR
LKQSGSTVLKEIESPRFQQDLYLSFTCPREILTKICLFTRPASQYLFPDSSKNSKKHILNGEELMKWWGFILDRLLIECF
QNDTQAKLRIPGEDPARVRSYLRGMKYPLWQVGDIFTSKENSLAVYNIPLFPDDP(ALY)ARFIHQLAEEDRLLKVSLSS
FWIELQERQEFKLSVTSSVMGISGYSLATPSLFPSSADVIVPKSRKQFRAIKKYITGEEYDTEEGAIEAFTNIRDFLLLR
MATNLQSLTGKREHRERNQPVPASNINTLAITMLKPRKKAKALPKT
;
C
#
# COMPACT_ATOMS: atom_id res chain seq x y z
N GLU A 8 -18.59 43.28 -10.67
CA GLU A 8 -17.53 43.28 -9.67
C GLU A 8 -18.12 43.16 -8.29
N ASN A 9 -18.99 44.09 -7.96
CA ASN A 9 -19.64 44.09 -6.66
C ASN A 9 -20.49 42.86 -6.45
N GLU A 10 -21.19 42.44 -7.50
CA GLU A 10 -22.03 41.26 -7.41
C GLU A 10 -21.15 40.06 -7.18
N HIS A 11 -20.01 40.06 -7.84
CA HIS A 11 -19.05 38.99 -7.71
C HIS A 11 -18.54 38.95 -6.28
N ALA A 12 -18.28 40.10 -5.72
CA ALA A 12 -17.78 40.16 -4.37
C ALA A 12 -18.83 39.60 -3.47
N LYS A 13 -20.07 39.93 -3.73
CA LYS A 13 -21.14 39.45 -2.90
C LYS A 13 -21.17 37.94 -2.93
N ALA A 14 -21.04 37.38 -4.11
CA ALA A 14 -21.04 35.94 -4.23
C ALA A 14 -19.87 35.31 -3.54
N PHE A 15 -18.70 35.89 -3.70
CA PHE A 15 -17.53 35.35 -3.09
C PHE A 15 -17.69 35.33 -1.61
N LEU A 16 -18.27 36.36 -1.07
CA LEU A 16 -18.42 36.40 0.36
C LEU A 16 -19.35 35.30 0.73
N GLY A 17 -20.49 35.28 0.09
CA GLY A 17 -21.48 34.24 0.35
C GLY A 17 -20.86 32.84 0.29
N LEU A 18 -19.94 32.65 -0.66
CA LEU A 18 -19.18 31.41 -0.75
C LEU A 18 -18.35 31.16 0.49
N ALA A 19 -17.66 32.18 0.97
CA ALA A 19 -16.81 32.01 2.13
C ALA A 19 -17.68 31.71 3.35
N LYS A 20 -18.88 32.27 3.37
CA LYS A 20 -19.81 32.03 4.48
C LYS A 20 -20.36 30.61 4.42
N CYS A 21 -20.49 30.08 3.21
CA CYS A 21 -20.98 28.72 3.07
C CYS A 21 -19.96 27.70 3.58
N GLU A 22 -18.69 27.91 3.26
CA GLU A 22 -17.68 27.00 3.76
C GLU A 22 -17.66 27.01 5.27
N GLU A 23 -17.93 28.17 5.86
CA GLU A 23 -17.98 28.27 7.31
C GLU A 23 -19.19 27.56 7.90
N GLU A 24 -20.24 27.41 7.11
CA GLU A 24 -21.44 26.70 7.51
C GLU A 24 -21.19 25.22 7.54
N VAL A 25 -20.42 24.78 6.57
CA VAL A 25 -20.08 23.40 6.43
C VAL A 25 -19.31 22.90 7.60
N ASP A 26 -18.40 23.71 8.11
CA ASP A 26 -17.61 23.31 9.25
C ASP A 26 -18.48 23.10 10.47
N ALA A 27 -19.43 24.00 10.66
CA ALA A 27 -20.33 23.90 11.78
C ALA A 27 -21.12 22.64 11.66
N ILE A 28 -21.53 22.36 10.44
CA ILE A 28 -22.31 21.18 10.18
C ILE A 28 -21.50 19.94 10.48
N GLU A 29 -20.25 19.94 10.10
CA GLU A 29 -19.43 18.79 10.35
C GLU A 29 -19.31 18.56 11.81
N ARG A 30 -19.11 19.62 12.56
CA ARG A 30 -18.99 19.42 13.99
C ARG A 30 -20.25 18.86 14.58
N GLU A 31 -21.37 19.36 14.12
CA GLU A 31 -22.64 18.93 14.60
C GLU A 31 -22.85 17.47 14.35
N VAL A 32 -22.45 17.06 13.16
CA VAL A 32 -22.56 15.68 12.73
C VAL A 32 -21.71 14.78 13.58
N GLU A 33 -20.50 15.23 13.87
CA GLU A 33 -19.63 14.43 14.69
C GLU A 33 -20.23 14.27 16.07
N LEU A 34 -20.80 15.33 16.60
CA LEU A 34 -21.39 15.20 17.91
C LEU A 34 -22.52 14.24 17.90
N TYR A 35 -23.29 14.28 16.83
CA TYR A 35 -24.42 13.42 16.68
C TYR A 35 -23.96 11.98 16.67
N ARG A 36 -22.88 11.69 15.95
CA ARG A 36 -22.37 10.33 15.90
C ARG A 36 -21.89 9.85 17.25
N LEU A 37 -21.14 10.68 17.92
CA LEU A 37 -20.65 10.33 19.25
C LEU A 37 -21.77 10.01 20.24
N ASN A 38 -22.86 10.77 20.18
CA ASN A 38 -23.99 10.48 21.06
C ASN A 38 -24.68 9.18 20.77
N LYS A 39 -24.78 8.82 19.49
CA LYS A 39 -25.43 7.56 19.11
C LYS A 39 -24.55 6.35 19.38
N MET A 40 -23.25 6.51 19.16
CA MET A 40 -22.31 5.40 19.29
C MET A 40 -22.09 5.07 20.75
N LYS A 41 -22.38 6.02 21.63
CA LYS A 41 -22.07 5.81 23.02
C LYS A 41 -22.71 4.54 23.57
N PRO A 42 -24.04 4.45 23.53
CA PRO A 42 -24.73 3.28 24.12
C PRO A 42 -24.38 1.96 23.42
N VAL A 43 -24.01 2.01 22.13
CA VAL A 43 -23.57 0.80 21.44
C VAL A 43 -22.18 0.37 21.94
N TYR A 44 -21.33 1.35 22.20
CA TYR A 44 -20.02 1.05 22.77
C TYR A 44 -20.14 0.38 24.15
N GLU A 45 -21.04 0.84 25.00
CA GLU A 45 -21.19 0.18 26.29
C GLU A 45 -21.61 -1.29 26.11
N LYS A 46 -22.59 -1.51 25.25
CA LYS A 46 -23.11 -2.85 24.98
C LYS A 46 -21.97 -3.70 24.46
N ARG A 47 -21.32 -3.20 23.42
CA ARG A 47 -20.21 -3.89 22.76
C ARG A 47 -19.07 -4.24 23.71
N ASP A 48 -18.63 -3.29 24.53
CA ASP A 48 -17.48 -3.54 25.38
C ASP A 48 -17.77 -4.63 26.40
N ALA A 49 -19.02 -4.69 26.85
CA ALA A 49 -19.40 -5.70 27.82
C ALA A 49 -19.21 -7.11 27.27
N TYR A 50 -19.48 -7.30 25.99
CA TYR A 50 -19.25 -8.54 25.31
C TYR A 50 -17.76 -8.81 25.17
N ILE A 51 -17.01 -7.76 24.89
CA ILE A 51 -15.59 -7.88 24.67
C ILE A 51 -14.86 -8.39 25.87
N ASP A 52 -15.36 -8.07 27.04
CA ASP A 52 -14.75 -8.54 28.27
C ASP A 52 -14.78 -10.02 28.39
N GLU A 53 -15.82 -10.64 27.89
CA GLU A 53 -15.92 -12.07 27.95
C GLU A 53 -14.84 -12.73 27.13
N ILE A 54 -14.30 -12.03 26.16
CA ILE A 54 -13.29 -12.59 25.30
C ILE A 54 -11.89 -12.32 25.77
N ALA A 55 -11.08 -13.35 25.82
CA ALA A 55 -9.74 -13.22 26.33
C ALA A 55 -8.73 -13.04 25.24
N GLU A 56 -7.88 -12.06 25.40
CA GLU A 56 -6.89 -11.81 24.39
C GLU A 56 -7.45 -10.96 23.30
N PHE A 57 -8.63 -10.40 23.50
CA PHE A 57 -9.19 -9.60 22.45
C PHE A 57 -8.29 -8.44 22.12
N TRP A 58 -7.84 -7.73 23.12
CA TRP A 58 -6.96 -6.61 22.91
C TRP A 58 -5.61 -6.99 22.41
N LYS A 59 -5.08 -8.10 22.87
CA LYS A 59 -3.79 -8.53 22.40
C LYS A 59 -3.84 -8.84 20.93
N ILE A 60 -4.89 -9.49 20.50
CA ILE A 60 -5.07 -9.81 19.12
C ILE A 60 -5.29 -8.62 18.22
N VAL A 61 -6.14 -7.70 18.63
CA VAL A 61 -6.38 -6.45 17.94
C VAL A 61 -5.10 -5.64 17.75
N LEU A 62 -4.35 -5.43 18.82
CA LEU A 62 -3.12 -4.63 18.72
C LEU A 62 -2.04 -5.33 17.91
N SER A 63 -2.25 -6.60 17.60
CA SER A 63 -1.30 -7.30 16.72
C SER A 63 -1.76 -7.24 15.28
N GLN A 64 -3.04 -7.00 15.09
CA GLN A 64 -3.60 -6.91 13.77
C GLN A 64 -3.60 -5.54 13.18
N HIS A 65 -3.36 -4.52 13.99
CA HIS A 65 -3.35 -3.18 13.46
C HIS A 65 -1.98 -2.94 12.93
N VAL A 66 -1.91 -2.56 11.67
CA VAL A 66 -0.65 -2.32 11.04
C VAL A 66 0.25 -1.17 11.42
N SER A 67 -0.28 0.03 11.56
CA SER A 67 0.57 1.15 11.92
C SER A 67 0.87 1.34 13.36
N PHE A 68 0.16 0.66 14.21
CA PHE A 68 0.37 0.79 15.61
C PHE A 68 1.79 0.41 15.99
N ALA A 69 2.31 -0.61 15.35
CA ALA A 69 3.64 -1.10 15.61
C ALA A 69 4.69 -0.08 15.26
N ASN A 70 4.35 0.82 14.39
CA ASN A 70 5.25 1.85 13.96
C ASN A 70 5.69 2.78 15.05
N TYR A 71 4.85 2.99 16.04
CA TYR A 71 5.16 3.88 17.12
C TYR A 71 5.84 3.32 18.33
N ILE A 72 5.94 2.02 18.44
CA ILE A 72 6.55 1.46 19.59
C ILE A 72 7.61 0.46 19.28
N ARG A 73 8.38 0.13 20.30
CA ARG A 73 9.44 -0.83 20.19
C ARG A 73 8.87 -2.19 20.16
N ALA A 74 9.52 -3.08 19.44
CA ALA A 74 9.02 -4.45 19.37
C ALA A 74 8.95 -5.11 20.75
N SER A 75 9.94 -4.86 21.61
CA SER A 75 9.90 -5.43 22.94
C SER A 75 8.62 -5.10 23.73
N ASP A 76 8.09 -3.88 23.56
CA ASP A 76 6.88 -3.46 24.26
C ASP A 76 5.72 -4.42 24.05
N PHE A 77 5.75 -5.16 22.96
CA PHE A 77 4.68 -6.11 22.71
C PHE A 77 4.54 -7.18 23.79
N LYS A 78 5.59 -7.41 24.57
CA LYS A 78 5.51 -8.34 25.66
C LYS A 78 4.45 -7.85 26.62
N TYR A 79 4.41 -6.51 26.79
CA TYR A 79 3.51 -5.83 27.70
C TYR A 79 2.15 -5.44 27.08
N ILE A 80 2.17 -4.91 25.85
CA ILE A 80 0.95 -4.68 25.09
C ILE A 80 0.02 -5.90 25.16
N ASP A 81 0.61 -7.10 25.22
CA ASP A 81 -0.15 -8.35 25.23
C ASP A 81 -0.86 -8.62 26.55
N THR A 82 -0.61 -7.79 27.54
CA THR A 82 -1.25 -7.99 28.81
C THR A 82 -2.45 -7.12 28.97
N ILE A 83 -2.73 -6.30 27.99
CA ILE A 83 -3.86 -5.43 28.07
C ILE A 83 -5.12 -6.20 27.90
N ASP A 84 -6.02 -6.10 28.85
CA ASP A 84 -7.27 -6.82 28.74
C ASP A 84 -8.46 -5.91 28.61
N LYS A 85 -8.24 -4.63 28.73
CA LYS A 85 -9.32 -3.72 28.59
C LYS A 85 -8.90 -2.37 28.13
N ILE A 86 -9.71 -1.78 27.28
CA ILE A 86 -9.45 -0.48 26.77
C ILE A 86 -10.78 0.22 26.76
N LYS A 87 -10.79 1.44 27.23
CA LYS A 87 -12.03 2.21 27.27
C LYS A 87 -11.75 3.63 26.80
N VAL A 88 -12.59 4.12 25.90
CA VAL A 88 -12.43 5.47 25.37
C VAL A 88 -13.70 6.30 25.61
N GLU A 89 -13.57 7.37 26.38
CA GLU A 89 -14.68 8.26 26.62
C GLU A 89 -14.41 9.60 25.91
N TRP A 90 -15.35 10.04 25.07
CA TRP A 90 -15.17 11.30 24.36
C TRP A 90 -15.69 12.45 25.22
N LEU A 91 -14.84 13.45 25.43
CA LEU A 91 -15.13 14.50 26.38
C LEU A 91 -16.23 15.44 25.89
N ALA A 92 -16.24 15.73 24.59
CA ALA A 92 -17.26 16.63 24.04
C ALA A 92 -18.69 16.21 24.40
N LEU A 93 -18.86 15.03 24.99
CA LEU A 93 -20.17 14.62 25.45
C LEU A 93 -20.50 15.16 26.85
N GLU A 94 -19.48 15.53 27.61
CA GLU A 94 -19.71 16.09 28.95
C GLU A 94 -19.83 17.62 28.88
N SER A 95 -19.29 18.23 27.83
CA SER A 95 -19.30 19.68 27.74
C SER A 95 -18.87 20.21 26.39
N GLU A 96 -19.44 21.34 26.00
CA GLU A 96 -19.16 21.97 24.71
C GLU A 96 -17.80 22.65 24.71
N MET A 97 -17.22 22.84 25.88
CA MET A 97 -15.90 23.45 26.00
C MET A 97 -14.83 22.64 25.25
N TYR A 98 -15.03 21.31 25.23
CA TYR A 98 -14.12 20.34 24.59
C TYR A 98 -14.36 20.20 23.09
N ASP A 99 -13.27 19.95 22.36
CA ASP A 99 -13.30 19.62 20.93
C ASP A 99 -13.84 18.21 20.77
N THR A 100 -14.48 17.93 19.64
CA THR A 100 -14.97 16.55 19.39
C THR A 100 -13.85 15.51 19.30
N ARG A 101 -12.62 15.98 19.06
CA ARG A 101 -11.42 15.11 19.06
C ARG A 101 -10.91 14.72 20.45
N ASP A 102 -11.39 15.38 21.51
CA ASP A 102 -10.88 15.15 22.86
C ASP A 102 -11.41 13.87 23.47
N PHE A 103 -10.55 13.15 24.14
CA PHE A 103 -10.95 11.91 24.75
C PHE A 103 -10.02 11.50 25.85
N SER A 104 -10.46 10.57 26.66
CA SER A 104 -9.65 10.10 27.73
C SER A 104 -9.59 8.61 27.53
N ILE A 105 -8.41 8.03 27.63
CA ILE A 105 -8.31 6.61 27.42
C ILE A 105 -7.77 5.86 28.61
N THR A 106 -8.45 4.78 28.96
CA THR A 106 -8.07 3.96 30.08
C THR A 106 -7.64 2.56 29.66
N PHE A 107 -6.46 2.13 30.09
CA PHE A 107 -5.96 0.81 29.76
C PHE A 107 -5.80 0.04 31.02
N HIS A 108 -6.05 -1.26 30.98
CA HIS A 108 -5.80 -2.06 32.14
C HIS A 108 -4.86 -3.16 31.76
N PHE A 109 -3.75 -3.28 32.47
CA PHE A 109 -2.80 -4.35 32.19
C PHE A 109 -2.76 -5.46 33.21
N HIS A 110 -2.87 -6.69 32.79
CA HIS A 110 -2.82 -7.77 33.76
C HIS A 110 -1.48 -8.11 34.37
N GLY A 111 -0.38 -7.68 33.79
CA GLY A 111 0.90 -7.99 34.39
C GLY A 111 1.62 -9.28 34.10
N ILE A 112 2.92 -9.28 34.40
CA ILE A 112 3.78 -10.42 34.19
C ILE A 112 4.51 -10.76 35.46
N GLU A 113 4.53 -12.02 35.83
CA GLU A 113 5.21 -12.38 37.06
C GLU A 113 6.66 -12.04 37.08
N GLY A 114 7.03 -11.31 38.11
CA GLY A 114 8.39 -10.89 38.33
C GLY A 114 8.87 -9.84 37.38
N ASP A 115 7.98 -9.31 36.56
CA ASP A 115 8.43 -8.29 35.64
C ASP A 115 7.61 -7.03 35.51
N PHE A 116 6.33 -7.21 35.26
CA PHE A 116 5.40 -6.11 35.08
C PHE A 116 4.27 -6.13 36.07
N LYS A 117 3.97 -4.98 36.63
CA LYS A 117 2.91 -4.86 37.60
C LYS A 117 1.55 -4.68 37.00
N GLU A 118 0.55 -5.34 37.57
CA GLU A 118 -0.79 -5.23 37.09
C GLU A 118 -1.28 -3.86 37.47
N GLN A 119 -1.82 -3.10 36.53
CA GLN A 119 -2.26 -1.77 36.86
C GLN A 119 -3.26 -1.22 35.88
N GLN A 120 -3.93 -0.15 36.26
CA GLN A 120 -4.88 0.50 35.39
C GLN A 120 -4.41 1.93 35.21
N VAL A 121 -4.33 2.39 33.97
CA VAL A 121 -3.85 3.73 33.69
C VAL A 121 -4.78 4.54 32.80
N THR A 122 -4.98 5.80 33.14
CA THR A 122 -5.87 6.64 32.34
C THR A 122 -5.20 7.90 31.79
N LYS A 123 -5.27 8.10 30.49
CA LYS A 123 -4.59 9.25 29.91
C LYS A 123 -5.62 10.11 29.17
N VAL A 124 -5.47 11.42 29.24
CA VAL A 124 -6.39 12.30 28.58
C VAL A 124 -5.78 13.17 27.53
N PHE A 125 -6.45 13.27 26.39
CA PHE A 125 -5.96 14.08 25.29
C PHE A 125 -6.92 15.19 24.92
N GLN A 126 -6.42 16.41 24.83
CA GLN A 126 -7.24 17.55 24.49
C GLN A 126 -6.58 18.42 23.46
N ILE A 127 -7.38 19.17 22.72
CA ILE A 127 -6.88 20.04 21.70
C ILE A 127 -6.58 21.40 22.32
N LYS A 128 -5.48 22.01 21.90
CA LYS A 128 -5.09 23.30 22.41
C LYS A 128 -4.67 24.20 21.26
N LYS A 129 -4.79 25.49 21.45
CA LYS A 129 -4.47 26.40 20.39
C LYS A 129 -3.56 27.46 20.92
N GLY A 130 -2.79 28.05 20.03
CA GLY A 130 -1.82 29.04 20.42
C GLY A 130 -1.77 30.34 19.64
N LYS A 131 -2.74 31.22 19.86
CA LYS A 131 -2.67 32.55 19.26
C LYS A 131 -3.32 32.77 17.91
N ASP A 132 -4.06 31.80 17.39
CA ASP A 132 -4.69 32.02 16.10
C ASP A 132 -6.14 31.61 16.08
N ASP A 133 -6.91 32.36 15.31
CA ASP A 133 -8.30 32.02 15.05
C ASP A 133 -8.37 30.89 14.01
N GLN A 134 -7.50 31.02 13.00
CA GLN A 134 -7.35 30.17 11.82
C GLN A 134 -6.19 29.20 11.97
N GLU A 135 -6.25 28.37 13.00
CA GLU A 135 -5.31 27.27 13.19
C GLU A 135 -6.10 26.10 13.74
N ASP A 136 -5.84 24.90 13.25
CA ASP A 136 -6.66 23.76 13.65
C ASP A 136 -6.57 23.33 15.11
N GLY A 137 -5.36 23.36 15.68
CA GLY A 137 -5.12 22.93 17.04
C GLY A 137 -4.45 21.58 17.10
N ILE A 138 -3.81 21.28 18.21
CA ILE A 138 -3.07 20.04 18.36
C ILE A 138 -3.42 19.33 19.64
N LEU A 139 -3.30 18.03 19.63
CA LEU A 139 -3.53 17.22 20.81
C LEU A 139 -2.46 17.46 21.85
N THR A 140 -2.84 17.40 23.11
CA THR A 140 -1.95 17.61 24.23
C THR A 140 -2.42 16.68 25.31
N SER A 141 -1.55 16.41 26.29
CA SER A 141 -1.93 15.55 27.37
C SER A 141 -1.11 15.84 28.59
N GLU A 142 -1.41 15.15 29.69
CA GLU A 142 -0.70 15.33 30.92
C GLU A 142 -0.08 14.02 31.22
N PRO A 143 1.06 14.03 31.86
CA PRO A 143 1.75 12.80 32.21
C PRO A 143 0.93 11.99 33.15
N VAL A 144 0.93 10.69 33.00
CA VAL A 144 0.23 9.82 33.90
C VAL A 144 1.22 8.83 34.36
N PRO A 145 1.12 8.48 35.62
CA PRO A 145 2.04 7.54 36.22
C PRO A 145 1.79 6.16 35.72
N ILE A 146 2.85 5.46 35.40
CA ILE A 146 2.73 4.08 35.05
C ILE A 146 3.96 3.44 35.61
N GLU A 147 3.83 2.21 36.04
CA GLU A 147 4.93 1.48 36.65
C GLU A 147 5.65 0.68 35.57
N TRP A 148 6.81 1.15 35.12
CA TRP A 148 7.60 0.46 34.10
C TRP A 148 7.99 -0.97 34.51
N PRO A 149 8.07 -1.88 33.53
CA PRO A 149 8.48 -3.27 33.79
C PRO A 149 9.92 -3.32 34.29
N GLN A 150 10.25 -4.33 35.06
CA GLN A 150 11.62 -4.47 35.55
C GLN A 150 12.65 -4.56 34.42
N SER A 151 12.33 -5.31 33.37
CA SER A 151 13.21 -5.44 32.20
C SER A 151 13.70 -4.10 31.65
N TYR A 152 13.02 -3.02 31.99
CA TYR A 152 13.33 -1.73 31.39
C TYR A 152 14.03 -0.81 32.36
N ASP A 153 14.48 -1.37 33.49
CA ASP A 153 15.24 -0.58 34.48
C ASP A 153 16.32 0.25 33.81
N SER A 154 17.08 -0.36 32.91
CA SER A 154 18.16 0.33 32.22
C SER A 154 17.72 1.55 31.39
N ILE A 155 16.48 1.59 30.92
CA ILE A 155 16.03 2.69 30.05
C ILE A 155 14.95 3.56 30.67
N ASN A 156 14.60 3.23 31.91
CA ASN A 156 13.60 3.98 32.68
C ASN A 156 14.08 5.40 33.07
N PRO A 157 13.33 6.45 32.66
CA PRO A 157 13.81 7.82 32.91
C PRO A 157 13.98 8.13 34.41
N ASP A 158 13.20 7.47 35.26
CA ASP A 158 13.23 7.74 36.69
C ASP A 158 14.38 7.03 37.42
N LEU A 159 14.95 6.00 36.79
CA LEU A 159 16.08 5.26 37.34
C LEU A 159 17.41 5.62 36.68
N ILE A 160 17.38 6.41 35.63
CA ILE A 160 18.60 6.75 34.93
C ILE A 160 19.34 7.79 35.78
N LYS A 161 20.60 7.48 36.10
CA LYS A 161 21.39 8.34 36.98
C LYS A 161 22.07 9.48 36.21
N ASP A 162 22.87 9.11 35.22
CA ASP A 162 23.59 10.07 34.39
C ASP A 162 22.72 10.45 33.20
N LYS A 163 21.83 11.42 33.37
CA LYS A 163 20.84 11.70 32.31
C LYS A 163 21.37 12.62 31.20
N ARG A 164 22.16 13.62 31.55
CA ARG A 164 22.69 14.49 30.51
C ARG A 164 24.01 13.89 30.06
N SER A 165 24.34 12.75 30.64
CA SER A 165 25.54 12.02 30.30
C SER A 165 25.38 11.56 28.88
N PRO A 166 26.46 11.37 28.16
CA PRO A 166 26.35 10.95 26.78
C PRO A 166 25.69 9.60 26.66
N GLU A 167 26.12 8.63 27.44
CA GLU A 167 25.52 7.31 27.38
C GLU A 167 24.11 7.32 27.92
N GLY A 168 23.97 8.07 29.01
CA GLY A 168 22.70 8.25 29.69
C GLY A 168 21.66 8.87 28.79
N LYS A 169 22.05 9.91 28.06
CA LYS A 169 21.17 10.57 27.11
C LYS A 169 20.64 9.58 26.06
N LYS A 170 21.45 8.57 25.74
CA LYS A 170 21.05 7.53 24.78
C LYS A 170 20.13 6.49 25.42
N LYS A 171 20.37 6.19 26.70
CA LYS A 171 19.47 5.34 27.46
C LYS A 171 18.14 6.03 27.70
N TYR A 172 18.19 7.33 27.90
CA TYR A 172 16.98 8.12 27.99
C TYR A 172 16.16 8.01 26.70
N ARG A 173 16.75 8.36 25.57
CA ARG A 173 16.01 8.35 24.30
C ARG A 173 15.42 6.98 23.98
N GLN A 174 16.07 5.91 24.42
CA GLN A 174 15.53 4.58 24.19
C GLN A 174 14.25 4.35 24.98
N GLY A 175 14.26 4.73 26.26
CA GLY A 175 13.09 4.65 27.07
C GLY A 175 11.98 5.51 26.50
N MET A 176 12.34 6.64 25.91
CA MET A 176 11.34 7.56 25.38
C MET A 176 10.64 7.04 24.14
N LYS A 177 11.11 5.95 23.56
CA LYS A 177 10.44 5.43 22.40
C LYS A 177 9.68 4.14 22.69
N THR A 178 9.45 3.88 23.98
CA THR A 178 8.58 2.79 24.37
C THR A 178 7.15 3.31 24.66
N ILE A 179 6.21 2.38 24.71
CA ILE A 179 4.83 2.68 25.00
C ILE A 179 4.75 3.33 26.39
N PHE A 180 5.66 2.94 27.29
CA PHE A 180 5.72 3.58 28.62
C PHE A 180 6.16 5.04 28.56
N GLY A 181 6.99 5.39 27.59
CA GLY A 181 7.39 6.78 27.41
C GLY A 181 6.20 7.62 26.98
N TRP A 182 5.33 7.02 26.19
CA TRP A 182 4.18 7.72 25.65
C TRP A 182 3.25 8.22 26.79
N PHE A 183 3.13 7.49 27.86
CA PHE A 183 2.29 7.94 28.93
C PHE A 183 2.72 9.28 29.50
N ARG A 184 3.96 9.68 29.30
CA ARG A 184 4.43 10.94 29.79
C ARG A 184 4.33 11.99 28.72
N TRP A 185 3.94 11.60 27.54
CA TRP A 185 3.84 12.52 26.43
C TRP A 185 2.88 13.62 26.76
N THR A 186 3.19 14.83 26.30
CA THR A 186 2.30 15.94 26.61
C THR A 186 1.97 16.78 25.41
N GLY A 187 2.90 16.82 24.46
CA GLY A 187 2.75 17.58 23.25
C GLY A 187 3.23 19.00 23.40
N LEU A 188 3.69 19.35 24.59
CA LEU A 188 4.16 20.70 24.85
C LEU A 188 5.67 20.93 24.79
N LYS A 189 6.44 19.87 24.62
CA LYS A 189 7.89 19.98 24.54
C LYS A 189 8.38 19.20 23.36
N PRO A 190 8.20 19.75 22.18
CA PRO A 190 8.62 19.05 20.96
C PRO A 190 10.08 18.69 20.87
N GLY A 191 10.31 17.46 20.44
CA GLY A 191 11.62 16.88 20.27
C GLY A 191 12.19 16.22 21.50
N LYS A 192 11.53 16.39 22.64
CA LYS A 192 12.02 15.79 23.86
C LYS A 192 11.12 14.71 24.40
N GLU A 193 10.09 14.38 23.65
CA GLU A 193 9.15 13.37 24.08
C GLU A 193 8.90 12.30 23.08
N PHE A 194 8.25 11.26 23.56
CA PHE A 194 7.87 10.12 22.74
C PHE A 194 7.48 10.67 21.38
N PRO A 195 8.07 10.09 20.32
CA PRO A 195 7.79 10.70 19.01
C PRO A 195 6.37 10.43 18.59
N HIS A 196 5.76 11.42 17.94
CA HIS A 196 4.43 11.30 17.37
C HIS A 196 3.40 10.77 18.35
N GLY A 197 3.49 11.24 19.59
CA GLY A 197 2.56 10.80 20.63
C GLY A 197 1.13 11.19 20.33
N ASP A 198 0.96 12.27 19.57
CA ASP A 198 -0.36 12.72 19.14
C ASP A 198 -0.96 11.78 18.10
N SER A 199 -0.16 11.32 17.17
CA SER A 199 -0.63 10.40 16.17
C SER A 199 -1.05 9.09 16.78
N LEU A 200 -0.28 8.62 17.74
CA LEU A 200 -0.59 7.39 18.42
C LEU A 200 -1.89 7.55 19.15
N ALA A 201 -2.12 8.70 19.73
CA ALA A 201 -3.34 8.98 20.44
C ALA A 201 -4.51 8.92 19.50
N SER A 202 -4.34 9.49 18.34
CA SER A 202 -5.36 9.49 17.32
C SER A 202 -5.72 8.11 16.83
N LEU A 203 -4.76 7.23 16.73
CA LEU A 203 -5.04 5.89 16.29
C LEU A 203 -5.99 5.21 17.21
N PHE A 204 -5.79 5.36 18.49
CA PHE A 204 -6.66 4.72 19.42
C PHE A 204 -8.08 5.22 19.34
N SER A 205 -8.26 6.52 19.34
CA SER A 205 -9.60 7.07 19.23
C SER A 205 -10.26 6.92 17.88
N GLU A 206 -9.51 7.18 16.84
CA GLU A 206 -9.99 7.03 15.48
C GLU A 206 -10.14 5.64 14.90
N GLU A 207 -9.21 4.75 15.22
CA GLU A 207 -9.23 3.43 14.65
C GLU A 207 -9.28 2.25 15.57
N ILE A 208 -8.34 2.17 16.48
CA ILE A 208 -8.27 1.01 17.31
C ILE A 208 -9.46 0.75 18.20
N TYR A 209 -9.95 1.74 18.91
CA TYR A 209 -11.13 1.52 19.74
C TYR A 209 -12.39 1.36 18.96
N PRO A 210 -12.55 2.20 17.97
CA PRO A 210 -13.72 2.19 17.16
C PRO A 210 -13.89 0.93 16.37
N PHE A 211 -12.80 0.42 15.82
CA PHE A 211 -12.87 -0.74 14.92
C PHE A 211 -12.20 -2.02 15.46
N CYS A 212 -12.08 -2.13 16.77
CA CYS A 212 -11.38 -3.25 17.36
C CYS A 212 -11.93 -4.56 16.82
N VAL A 213 -13.26 -4.63 16.68
CA VAL A 213 -13.90 -5.88 16.28
C VAL A 213 -13.54 -6.29 14.84
N LYS A 214 -13.56 -5.34 13.91
CA LYS A 214 -13.08 -5.63 12.56
C LYS A 214 -11.66 -6.18 12.67
N TYR A 215 -10.82 -5.52 13.46
CA TYR A 215 -9.46 -5.99 13.62
C TYR A 215 -9.42 -7.41 14.22
N TYR A 216 -10.23 -7.66 15.24
CA TYR A 216 -10.29 -8.99 15.82
C TYR A 216 -10.72 -10.03 14.80
N ALA A 217 -11.74 -9.72 13.99
CA ALA A 217 -12.20 -10.67 12.99
C ALA A 217 -11.16 -10.92 11.90
N GLU A 218 -10.33 -9.93 11.65
CA GLU A 218 -9.23 -10.05 10.69
C GLU A 218 -8.23 -11.12 11.08
N ALA A 219 -8.17 -11.45 12.38
CA ALA A 219 -7.21 -12.42 12.88
C ALA A 219 -7.76 -13.86 12.84
N GLN A 220 -9.02 -14.00 12.46
CA GLN A 220 -9.66 -15.31 12.48
C GLN A 220 -9.75 -16.03 11.13
N ARG A 221 -9.26 -15.43 10.05
CA ARG A 221 -9.24 -16.13 8.77
C ARG A 221 -8.62 -17.53 8.88
N ASP A 222 -9.22 -18.49 8.22
CA ASP A 222 -8.76 -19.85 8.31
C ASP A 222 -7.39 -20.06 7.73
N LEU A 223 -7.07 -19.34 6.69
CA LEU A 223 -5.78 -19.44 6.08
C LEU A 223 -5.05 -18.21 6.56
N GLU A 224 -3.93 -18.40 7.24
CA GLU A 224 -3.17 -17.29 7.78
C GLU A 224 -2.67 -16.34 6.75
N ASP A 225 -2.37 -16.82 5.58
CA ASP A 225 -1.86 -15.94 4.55
C ASP A 225 -2.86 -14.91 4.11
N GLU A 226 -4.11 -15.07 4.48
CA GLU A 226 -5.11 -14.10 4.10
C GLU A 226 -5.30 -12.97 5.10
N GLU A 227 -4.58 -12.98 6.21
CA GLU A 227 -4.77 -11.89 7.13
C GLU A 227 -4.28 -10.64 6.47
N GLY A 228 -5.08 -9.60 6.56
CA GLY A 228 -4.78 -8.32 5.99
C GLY A 228 -5.11 -8.21 4.52
N GLU A 229 -5.50 -9.30 3.91
CA GLU A 229 -5.84 -9.31 2.51
C GLU A 229 -7.12 -8.55 2.32
N SER A 230 -7.88 -8.50 3.38
CA SER A 230 -9.15 -7.83 3.41
C SER A 230 -9.05 -6.35 3.12
N GLY A 231 -8.01 -5.72 3.63
CA GLY A 231 -7.81 -4.30 3.44
C GLY A 231 -7.83 -3.64 4.80
N LEU A 232 -8.88 -2.89 5.08
CA LEU A 232 -8.99 -2.22 6.37
C LEU A 232 -8.22 -0.93 6.40
N GLU A 247 -0.89 -4.82 -10.62
CA GLU A 247 -0.50 -3.59 -11.30
C GLU A 247 -0.28 -3.83 -12.78
N VAL A 248 -1.37 -4.12 -13.48
CA VAL A 248 -1.31 -4.48 -14.87
C VAL A 248 -2.26 -3.57 -15.61
N ASP A 249 -2.32 -3.71 -16.93
CA ASP A 249 -3.03 -2.75 -17.76
C ASP A 249 -4.41 -3.22 -18.17
N LEU A 250 -5.00 -2.43 -19.06
CA LEU A 250 -6.27 -2.74 -19.64
C LEU A 250 -6.05 -2.17 -21.02
N PRO A 251 -5.19 -2.83 -21.79
CA PRO A 251 -4.83 -2.41 -23.15
C PRO A 251 -5.95 -1.81 -24.00
N LEU A 252 -6.64 -2.63 -24.77
CA LEU A 252 -7.74 -2.19 -25.63
C LEU A 252 -8.98 -1.78 -24.84
N SER A 253 -9.78 -0.89 -25.42
CA SER A 253 -10.99 -0.41 -24.77
C SER A 253 -11.42 -1.40 -23.70
N ASN B 5 31.83 -27.09 -2.18
CA ASN B 5 30.63 -26.42 -2.65
C ASN B 5 29.96 -25.61 -1.56
N SER B 6 29.29 -24.53 -1.96
CA SER B 6 28.60 -23.70 -1.00
C SER B 6 27.19 -24.20 -1.11
N MET B 7 26.64 -24.72 -0.03
CA MET B 7 25.28 -25.26 -0.04
C MET B 7 24.33 -24.60 0.91
N SER B 8 24.71 -23.47 1.46
CA SER B 8 23.84 -22.79 2.37
C SER B 8 24.10 -21.33 2.19
N LEU B 9 23.13 -20.51 2.56
CA LEU B 9 23.32 -19.09 2.44
C LEU B 9 24.46 -18.71 3.32
N ASN B 10 24.61 -19.39 4.44
CA ASN B 10 25.69 -19.12 5.33
C ASN B 10 27.00 -19.40 4.68
N ASP B 11 27.04 -20.47 3.91
CA ASP B 11 28.27 -20.84 3.25
C ASP B 11 28.67 -19.76 2.31
N PHE B 12 27.72 -19.21 1.59
CA PHE B 12 28.05 -18.16 0.66
C PHE B 12 28.53 -16.90 1.31
N LEU B 13 27.83 -16.43 2.32
CA LEU B 13 28.18 -15.17 2.96
C LEU B 13 29.50 -15.15 3.70
N SER B 14 29.78 -16.22 4.41
CA SER B 14 30.97 -16.31 5.18
C SER B 14 32.19 -16.25 4.33
N SER B 15 32.11 -16.86 3.18
CA SER B 15 33.21 -16.93 2.28
C SER B 15 33.65 -15.55 1.93
N VAL B 16 32.72 -14.64 1.85
CA VAL B 16 33.06 -13.28 1.50
C VAL B 16 33.26 -12.30 2.65
N LEU B 17 33.10 -12.74 3.90
CA LEU B 17 33.25 -11.83 5.01
C LEU B 17 34.58 -11.98 5.69
N PRO B 18 35.03 -10.92 6.33
CA PRO B 18 36.31 -10.93 6.99
C PRO B 18 36.41 -12.08 7.93
N VAL B 19 37.57 -12.69 7.94
CA VAL B 19 37.80 -13.84 8.76
C VAL B 19 37.82 -13.47 10.21
N SER B 20 37.14 -14.29 10.99
CA SER B 20 37.09 -14.13 12.40
C SER B 20 36.18 -13.05 12.88
N GLU B 21 35.47 -12.41 11.97
CA GLU B 21 34.54 -11.38 12.40
C GLU B 21 33.11 -11.91 12.42
N GLN B 22 32.36 -11.47 13.42
CA GLN B 22 30.98 -11.93 13.57
C GLN B 22 30.00 -11.00 12.88
N PHE B 23 29.10 -11.59 12.12
CA PHE B 23 28.02 -10.84 11.49
C PHE B 23 26.75 -11.61 11.67
N GLU B 24 25.63 -10.90 11.74
CA GLU B 24 24.33 -11.56 11.79
C GLU B 24 23.60 -11.10 10.55
N TYR B 25 22.62 -11.87 10.09
CA TYR B 25 21.89 -11.42 8.92
C TYR B 25 20.44 -11.86 8.91
N LEU B 26 19.60 -11.07 8.24
CA LEU B 26 18.18 -11.41 8.06
C LEU B 26 17.97 -11.82 6.63
N SER B 27 17.21 -12.87 6.43
CA SER B 27 16.94 -13.32 5.09
C SER B 27 15.46 -13.62 5.00
N LEU B 28 14.71 -12.65 4.50
CA LEU B 28 13.27 -12.68 4.55
C LEU B 28 12.74 -13.05 3.19
N GLN B 29 11.74 -13.90 3.15
CA GLN B 29 11.18 -14.31 1.89
C GLN B 29 9.68 -14.38 1.92
N SER B 30 9.05 -14.03 0.83
CA SER B 30 7.61 -14.05 0.76
C SER B 30 7.09 -15.36 0.26
N ILE B 31 5.82 -15.63 0.51
CA ILE B 31 5.22 -16.84 0.06
C ILE B 31 5.03 -16.65 -1.41
N PRO B 32 5.41 -17.62 -2.22
CA PRO B 32 5.26 -17.48 -3.64
C PRO B 32 3.83 -17.31 -3.99
N LEU B 33 3.59 -16.33 -4.84
CA LEU B 33 2.27 -15.99 -5.25
C LEU B 33 1.99 -16.00 -6.71
N GLU B 34 0.80 -16.45 -7.06
CA GLU B 34 0.36 -16.52 -8.42
C GLU B 34 0.08 -15.09 -8.76
N THR B 35 0.53 -14.65 -9.90
CA THR B 35 0.33 -13.28 -10.27
C THR B 35 0.29 -13.05 -11.76
N HIS B 36 -0.02 -11.83 -12.17
CA HIS B 36 -0.09 -11.48 -13.56
C HIS B 36 1.28 -11.50 -14.19
N ALA B 37 1.34 -11.69 -15.49
CA ALA B 37 2.63 -11.78 -16.17
C ALA B 37 3.52 -10.59 -16.07
N VAL B 38 4.80 -10.84 -16.09
CA VAL B 38 5.79 -9.80 -15.98
C VAL B 38 5.66 -8.84 -17.13
N VAL B 39 5.51 -9.37 -18.31
CA VAL B 39 5.35 -8.55 -19.47
C VAL B 39 3.93 -8.74 -19.93
N THR B 40 3.24 -7.66 -20.28
CA THR B 40 1.86 -7.76 -20.71
C THR B 40 1.71 -8.65 -21.91
N PRO B 41 0.73 -9.52 -21.85
CA PRO B 41 0.48 -10.48 -22.91
C PRO B 41 -0.16 -9.87 -24.12
N ASN B 42 0.15 -10.45 -25.26
CA ASN B 42 -0.35 -10.03 -26.54
C ASN B 42 -1.39 -11.02 -26.97
N LYS B 43 -2.62 -10.59 -27.13
CA LYS B 43 -3.67 -11.53 -27.44
C LYS B 43 -3.33 -12.20 -28.75
N ASP B 44 -2.80 -11.45 -29.69
CA ASP B 44 -2.43 -12.05 -30.94
C ASP B 44 -1.06 -12.63 -30.74
N ASP B 45 -0.96 -13.63 -29.88
CA ASP B 45 0.32 -14.28 -29.67
C ASP B 45 0.16 -15.78 -29.67
N LYS B 46 1.19 -16.46 -30.13
CA LYS B 46 1.14 -17.90 -30.30
C LYS B 46 0.87 -18.53 -28.98
N ARG B 47 1.48 -17.99 -27.95
CA ARG B 47 1.43 -18.59 -26.65
C ARG B 47 1.25 -17.63 -25.51
N VAL B 48 0.81 -18.18 -24.39
CA VAL B 48 0.67 -17.40 -23.19
C VAL B 48 1.03 -18.27 -22.00
N PRO B 49 1.61 -17.63 -21.01
CA PRO B 49 2.06 -18.31 -19.82
C PRO B 49 0.92 -18.88 -19.05
N LYS B 50 1.03 -20.12 -18.65
CA LYS B 50 0.00 -20.71 -17.85
C LYS B 50 0.04 -20.06 -16.50
N SER B 51 1.22 -19.77 -16.00
CA SER B 51 1.33 -19.11 -14.70
C SER B 51 2.61 -18.34 -14.47
N THR B 52 2.54 -17.35 -13.60
CA THR B 52 3.67 -16.54 -13.23
C THR B 52 3.72 -16.53 -11.72
N ILE B 53 4.85 -16.85 -11.14
CA ILE B 53 4.97 -16.89 -9.69
C ILE B 53 5.97 -15.88 -9.21
N LYS B 54 5.56 -15.05 -8.27
CA LYS B 54 6.38 -13.99 -7.76
C LYS B 54 6.78 -14.18 -6.33
N THR B 55 8.04 -13.93 -6.03
CA THR B 55 8.55 -14.07 -4.68
C THR B 55 9.52 -12.96 -4.41
N GLN B 56 9.50 -12.43 -3.20
CA GLN B 56 10.41 -11.37 -2.87
C GLN B 56 11.39 -11.84 -1.85
N HIS B 57 12.65 -11.48 -2.03
CA HIS B 57 13.67 -11.86 -1.11
C HIS B 57 14.22 -10.59 -0.53
N PHE B 58 14.30 -10.49 0.78
CA PHE B 58 14.82 -9.30 1.39
C PHE B 58 15.98 -9.63 2.32
N PHE B 59 17.08 -8.92 2.23
CA PHE B 59 18.21 -9.20 3.07
C PHE B 59 18.76 -8.01 3.77
N SER B 60 19.19 -8.21 5.00
CA SER B 60 19.76 -7.15 5.79
C SER B 60 20.92 -7.73 6.53
N LEU B 61 21.99 -6.99 6.66
CA LEU B 61 23.15 -7.49 7.37
C LEU B 61 23.43 -6.63 8.55
N PHE B 62 23.74 -7.26 9.68
CA PHE B 62 24.00 -6.52 10.87
C PHE B 62 25.35 -6.84 11.39
N HIS B 63 26.03 -5.84 11.90
CA HIS B 63 27.32 -6.08 12.45
C HIS B 63 27.37 -5.40 13.78
N GLN B 64 27.67 -6.15 14.83
CA GLN B 64 27.74 -5.57 16.15
C GLN B 64 26.53 -4.84 16.64
N GLY B 65 25.36 -5.43 16.43
CA GLY B 65 24.14 -4.81 16.87
C GLY B 65 23.63 -3.66 16.09
N LYS B 66 24.12 -3.53 14.87
CA LYS B 66 23.71 -2.46 14.02
C LYS B 66 23.49 -3.05 12.66
N VAL B 67 22.63 -2.45 11.88
CA VAL B 67 22.34 -2.93 10.56
C VAL B 67 23.01 -1.95 9.68
N PHE B 68 23.75 -2.42 8.69
CA PHE B 68 24.42 -1.52 7.79
C PHE B 68 24.21 -1.80 6.33
N PHE B 69 23.58 -2.91 6.03
CA PHE B 69 23.37 -3.29 4.63
C PHE B 69 22.01 -3.93 4.36
N SER B 70 21.43 -3.61 3.20
CA SER B 70 20.18 -4.25 2.80
C SER B 70 20.09 -4.47 1.29
N LEU B 71 19.36 -5.52 0.89
CA LEU B 71 19.18 -5.88 -0.51
C LEU B 71 17.78 -6.42 -0.78
N GLU B 72 17.08 -5.86 -1.77
CA GLU B 72 15.71 -6.25 -2.09
C GLU B 72 15.67 -6.83 -3.51
N VAL B 73 15.14 -8.03 -3.65
CA VAL B 73 15.23 -8.74 -4.90
C VAL B 73 13.90 -9.45 -5.13
N TYR B 74 13.50 -9.56 -6.39
CA TYR B 74 12.26 -10.25 -6.71
C TYR B 74 12.59 -11.35 -7.70
N VAL B 75 11.88 -12.45 -7.65
CA VAL B 75 12.18 -13.57 -8.51
C VAL B 75 10.89 -14.06 -9.15
N TYR B 76 10.79 -13.91 -10.46
CA TYR B 76 9.61 -14.37 -11.18
C TYR B 76 9.91 -15.66 -11.90
N VAL B 77 9.02 -16.64 -11.80
CA VAL B 77 9.13 -17.84 -12.61
C VAL B 77 7.96 -17.84 -13.59
N THR B 78 8.23 -17.96 -14.88
CA THR B 78 7.15 -17.94 -15.83
C THR B 78 6.99 -19.29 -16.50
N LEU B 79 5.76 -19.80 -16.49
CA LEU B 79 5.45 -21.12 -17.04
C LEU B 79 4.67 -20.99 -18.32
N TRP B 80 5.11 -21.70 -19.34
CA TRP B 80 4.44 -21.65 -20.60
C TRP B 80 3.88 -23.02 -20.82
N ASP B 81 2.67 -23.10 -21.35
CA ASP B 81 2.02 -24.39 -21.45
C ASP B 81 2.89 -25.29 -22.28
N GLU B 82 3.41 -24.77 -23.37
CA GLU B 82 4.33 -25.54 -24.19
C GLU B 82 5.73 -24.95 -24.32
N ALA B 83 5.86 -23.64 -24.13
CA ALA B 83 7.15 -23.00 -24.34
C ALA B 83 8.10 -22.93 -23.15
N ASP B 84 8.45 -24.06 -22.59
CA ASP B 84 9.44 -24.05 -21.54
C ASP B 84 9.04 -23.25 -20.30
N ALA B 85 10.06 -22.64 -19.71
CA ALA B 85 9.92 -21.80 -18.54
C ALA B 85 11.16 -20.93 -18.36
N GLU B 86 10.97 -19.68 -18.01
CA GLU B 86 12.08 -18.83 -17.63
C GLU B 86 11.90 -18.28 -16.23
N ARG B 87 13.02 -17.92 -15.62
CA ARG B 87 12.95 -17.27 -14.35
C ARG B 87 13.70 -15.95 -14.48
N LEU B 88 13.14 -14.91 -13.89
CA LEU B 88 13.69 -13.56 -14.00
C LEU B 88 13.96 -13.03 -12.59
N ILE B 89 15.19 -12.61 -12.37
CA ILE B 89 15.58 -12.04 -11.10
C ILE B 89 15.61 -10.53 -11.24
N PHE B 90 14.80 -9.83 -10.48
CA PHE B 90 14.79 -8.40 -10.57
C PHE B 90 15.47 -7.81 -9.36
N VAL B 91 16.50 -7.03 -9.57
CA VAL B 91 17.20 -6.46 -8.46
C VAL B 91 16.66 -5.08 -8.28
N SER B 92 16.04 -4.87 -7.14
CA SER B 92 15.31 -3.66 -6.91
C SER B 92 16.06 -2.62 -6.14
N LYS B 93 16.65 -2.97 -5.02
CA LYS B 93 17.35 -1.97 -4.26
C LYS B 93 18.48 -2.55 -3.48
N ALA B 94 19.50 -1.76 -3.23
CA ALA B 94 20.55 -2.15 -2.37
C ALA B 94 20.98 -0.88 -1.69
N ASP B 95 21.39 -0.93 -0.44
CA ASP B 95 21.80 0.28 0.22
C ASP B 95 22.68 0.01 1.39
N THR B 96 23.38 1.03 1.84
CA THR B 96 24.20 0.96 3.03
C THR B 96 23.90 2.21 3.79
N ASN B 97 24.15 2.22 5.09
CA ASN B 97 23.95 3.41 5.88
C ASN B 97 25.21 3.98 6.45
N GLY B 98 26.33 3.30 6.26
CA GLY B 98 27.58 3.82 6.72
C GLY B 98 27.84 3.65 8.19
N TYR B 99 27.09 2.76 8.82
CA TYR B 99 27.25 2.54 10.23
C TYR B 99 27.97 1.25 10.53
N CYS B 100 28.76 0.76 9.59
CA CYS B 100 29.51 -0.44 9.87
C CYS B 100 30.85 -0.12 10.49
N ASN B 101 31.11 -0.71 11.65
CA ASN B 101 32.39 -0.54 12.33
C ASN B 101 33.59 -1.15 11.65
N THR B 102 33.41 -2.33 11.09
CA THR B 102 34.48 -3.07 10.44
C THR B 102 34.51 -2.85 8.94
N ARG B 103 35.51 -3.38 8.28
CA ARG B 103 35.68 -3.18 6.84
C ARG B 103 35.22 -4.38 6.06
N VAL B 104 34.39 -4.16 5.07
CA VAL B 104 33.86 -5.25 4.26
C VAL B 104 33.66 -4.88 2.80
N SER B 105 33.57 -5.89 1.93
CA SER B 105 33.18 -5.66 0.55
C SER B 105 31.66 -5.75 0.36
N VAL B 106 30.99 -4.61 0.33
CA VAL B 106 29.56 -4.60 0.07
C VAL B 106 29.26 -5.21 -1.30
N ARG B 107 30.17 -4.96 -2.24
CA ARG B 107 30.08 -5.47 -3.60
C ARG B 107 30.07 -7.00 -3.66
N ASP B 108 31.00 -7.64 -2.94
CA ASP B 108 31.05 -9.10 -2.93
C ASP B 108 29.91 -9.71 -2.10
N ILE B 109 29.49 -8.99 -1.05
CA ILE B 109 28.31 -9.38 -0.28
C ILE B 109 27.12 -9.41 -1.22
N THR B 110 26.92 -8.33 -1.98
CA THR B 110 25.81 -8.26 -2.93
C THR B 110 25.94 -9.33 -4.00
N LYS B 111 27.13 -9.43 -4.59
CA LYS B 111 27.37 -10.48 -5.57
C LYS B 111 27.08 -11.89 -5.03
N ILE B 112 27.53 -12.17 -3.80
CA ILE B 112 27.37 -13.52 -3.29
C ILE B 112 25.93 -13.92 -2.97
N ILE B 113 25.16 -12.99 -2.39
CA ILE B 113 23.73 -13.17 -2.19
C ILE B 113 23.01 -13.44 -3.52
N LEU B 114 23.37 -12.71 -4.58
CA LEU B 114 22.80 -12.99 -5.90
C LEU B 114 23.18 -14.39 -6.43
N GLU B 115 24.40 -14.83 -6.20
CA GLU B 115 24.76 -16.17 -6.58
C GLU B 115 23.94 -17.16 -5.82
N PHE B 116 23.67 -16.89 -4.58
CA PHE B 116 22.88 -17.80 -3.83
C PHE B 116 21.52 -17.92 -4.45
N ILE B 117 20.93 -16.81 -4.84
CA ILE B 117 19.62 -16.81 -5.44
C ILE B 117 19.62 -17.56 -6.75
N LEU B 118 20.70 -17.43 -7.48
CA LEU B 118 20.90 -18.15 -8.72
C LEU B 118 20.93 -19.64 -8.49
N SER B 119 21.53 -20.04 -7.39
CA SER B 119 21.69 -21.42 -7.02
C SER B 119 20.38 -22.14 -6.75
N ILE B 120 19.39 -21.40 -6.32
CA ILE B 120 18.10 -21.98 -5.99
C ILE B 120 17.40 -22.61 -7.15
N ASP B 121 16.86 -23.79 -6.96
CA ASP B 121 16.16 -24.46 -8.02
C ASP B 121 14.84 -23.78 -8.14
N PRO B 122 14.40 -23.59 -9.37
CA PRO B 122 13.16 -22.90 -9.67
C PRO B 122 11.97 -23.60 -9.10
N ASN B 123 12.04 -24.89 -8.99
CA ASN B 123 10.93 -25.67 -8.47
C ASN B 123 10.61 -25.32 -7.06
N TYR B 124 11.62 -25.02 -6.28
CA TYR B 124 11.41 -24.60 -4.94
C TYR B 124 10.27 -23.60 -4.80
N TYR B 125 10.16 -22.66 -5.75
CA TYR B 125 9.12 -21.65 -5.64
C TYR B 125 7.79 -22.19 -6.08
N LEU B 126 7.78 -23.39 -6.63
CA LEU B 126 6.57 -23.92 -7.25
C LEU B 126 5.91 -25.04 -6.45
N GLN B 127 6.48 -25.38 -5.30
CA GLN B 127 5.91 -26.43 -4.50
C GLN B 127 4.54 -26.18 -3.96
N LYS B 128 4.34 -25.01 -3.38
CA LYS B 128 3.07 -24.64 -2.82
C LYS B 128 2.95 -23.20 -3.19
N VAL B 129 1.95 -22.82 -3.94
CA VAL B 129 1.84 -21.43 -4.33
C VAL B 129 0.53 -20.78 -4.00
N LYS B 130 0.59 -19.63 -3.37
CA LYS B 130 -0.64 -18.91 -3.02
C LYS B 130 -1.38 -18.45 -4.27
N PRO B 131 -2.65 -18.80 -4.38
CA PRO B 131 -3.43 -18.47 -5.58
C PRO B 131 -3.78 -17.00 -5.60
N ALA B 132 -3.80 -16.39 -6.79
CA ALA B 132 -4.14 -15.00 -6.91
C ALA B 132 -5.55 -14.87 -6.42
N ILE B 133 -6.40 -15.78 -6.87
CA ILE B 133 -7.75 -15.83 -6.40
C ILE B 133 -8.13 -17.24 -6.02
N ARG B 134 -8.45 -17.45 -4.75
CA ARG B 134 -8.85 -18.75 -4.25
C ARG B 134 -10.30 -19.07 -4.47
N SER B 135 -10.58 -20.34 -4.66
CA SER B 135 -11.95 -20.75 -4.78
C SER B 135 -12.26 -21.64 -3.62
N TYR B 136 -13.37 -21.39 -2.95
CA TYR B 136 -13.75 -22.17 -1.80
C TYR B 136 -14.82 -23.18 -2.14
N LYS B 137 -15.10 -23.31 -3.43
CA LYS B 137 -16.16 -24.18 -3.87
C LYS B 137 -15.92 -25.61 -3.47
N LYS B 138 -14.69 -26.05 -3.59
CA LYS B 138 -14.38 -27.44 -3.30
C LYS B 138 -14.56 -27.67 -1.83
N ILE B 139 -14.82 -26.59 -1.12
CA ILE B 139 -14.95 -26.71 0.32
C ILE B 139 -16.22 -26.18 0.94
N SER B 140 -16.82 -27.02 1.77
CA SER B 140 -17.81 -26.66 2.74
C SER B 140 -17.22 -27.48 3.83
N PRO B 141 -17.21 -27.04 5.08
CA PRO B 141 -18.00 -25.97 5.65
C PRO B 141 -17.59 -24.60 5.20
N GLU B 142 -18.39 -23.60 5.56
CA GLU B 142 -18.07 -22.22 5.25
C GLU B 142 -16.79 -21.82 5.95
N LEU B 143 -15.96 -21.09 5.23
CA LEU B 143 -14.66 -20.69 5.68
C LEU B 143 -14.65 -19.24 5.97
N ILE B 144 -13.82 -18.82 6.90
CA ILE B 144 -13.68 -17.42 7.15
C ILE B 144 -12.58 -16.96 6.24
N SER B 145 -12.91 -16.16 5.25
CA SER B 145 -11.90 -15.73 4.27
C SER B 145 -11.65 -14.21 4.26
N ALA B 146 -10.86 -13.75 3.34
CA ALA B 146 -10.59 -12.34 3.27
C ALA B 146 -11.87 -11.59 3.05
N ALA B 147 -12.74 -12.15 2.24
CA ALA B 147 -14.00 -11.53 1.90
C ALA B 147 -15.00 -11.40 3.02
N SER B 148 -14.94 -12.26 4.01
CA SER B 148 -15.92 -12.25 5.05
C SER B 148 -16.00 -11.01 5.88
N THR B 149 -17.22 -10.60 6.17
CA THR B 149 -17.42 -9.44 6.97
C THR B 149 -17.17 -9.83 8.37
N PRO B 150 -16.99 -8.86 9.24
CA PRO B 150 -16.75 -9.13 10.64
C PRO B 150 -17.92 -9.81 11.25
N ALA B 151 -19.11 -9.39 10.93
CA ALA B 151 -20.27 -9.99 11.50
C ALA B 151 -20.39 -11.43 11.10
N ARG B 152 -20.16 -11.75 9.80
CA ARG B 152 -20.24 -13.11 9.33
C ARG B 152 -19.22 -13.92 10.02
N THR B 153 -18.06 -13.36 10.24
CA THR B 153 -16.96 -14.03 10.85
C THR B 153 -17.27 -14.34 12.28
N LEU B 154 -17.87 -13.41 12.97
CA LEU B 154 -18.21 -13.63 14.34
C LEU B 154 -19.20 -14.72 14.48
N ARG B 155 -20.17 -14.75 13.61
CA ARG B 155 -21.20 -15.75 13.61
C ARG B 155 -20.66 -17.13 13.33
N ILE B 156 -19.75 -17.22 12.40
CA ILE B 156 -19.14 -18.49 12.08
C ILE B 156 -18.38 -19.05 13.25
N LEU B 157 -17.72 -18.18 13.99
CA LEU B 157 -16.97 -18.61 15.14
C LEU B 157 -17.88 -19.20 16.16
N ALA B 158 -19.00 -18.57 16.35
CA ALA B 158 -19.96 -19.02 17.30
C ALA B 158 -20.54 -20.37 16.95
N ARG B 159 -20.87 -20.60 15.70
CA ARG B 159 -21.43 -21.87 15.30
C ARG B 159 -20.42 -22.95 15.51
N ARG B 160 -19.18 -22.67 15.17
CA ARG B 160 -18.16 -23.66 15.28
C ARG B 160 -18.00 -24.04 16.73
N LEU B 161 -18.07 -23.08 17.61
CA LEU B 161 -17.92 -23.40 18.99
C LEU B 161 -19.00 -24.30 19.44
N LYS B 162 -20.21 -23.99 19.01
CA LYS B 162 -21.36 -24.76 19.40
C LYS B 162 -21.30 -26.14 18.85
N GLN B 163 -20.87 -26.29 17.62
CA GLN B 163 -20.71 -27.62 17.09
C GLN B 163 -19.61 -28.44 17.73
N SER B 164 -18.45 -27.85 17.90
CA SER B 164 -17.33 -28.62 18.37
C SER B 164 -16.57 -28.06 19.52
N GLY B 165 -16.95 -26.92 20.04
CA GLY B 165 -16.15 -26.40 21.13
C GLY B 165 -14.80 -25.88 20.68
N SER B 166 -14.65 -25.60 19.41
CA SER B 166 -13.47 -24.96 18.91
C SER B 166 -13.82 -24.09 17.76
N THR B 167 -13.04 -23.05 17.51
CA THR B 167 -13.28 -22.18 16.39
C THR B 167 -12.51 -22.60 15.18
N VAL B 168 -11.67 -23.61 15.31
CA VAL B 168 -10.89 -24.01 14.18
C VAL B 168 -11.29 -25.24 13.43
N LEU B 169 -10.81 -25.33 12.21
CA LEU B 169 -11.08 -26.45 11.34
C LEU B 169 -9.77 -27.22 11.36
N LYS B 170 -9.81 -28.45 11.82
CA LYS B 170 -8.61 -29.26 11.89
C LYS B 170 -7.97 -29.59 10.55
N GLU B 171 -8.82 -29.88 9.60
CA GLU B 171 -8.49 -30.26 8.27
C GLU B 171 -8.12 -29.14 7.36
N ILE B 172 -8.07 -27.93 7.88
CA ILE B 172 -7.75 -26.80 7.05
C ILE B 172 -6.44 -26.93 6.32
N GLU B 173 -5.40 -27.43 6.95
CA GLU B 173 -4.15 -27.54 6.22
C GLU B 173 -3.92 -28.98 5.82
N SER B 174 -4.95 -29.80 6.01
CA SER B 174 -4.87 -31.20 5.68
C SER B 174 -4.56 -31.34 4.23
N PRO B 175 -3.79 -32.35 3.85
CA PRO B 175 -3.48 -32.47 2.43
C PRO B 175 -4.59 -32.41 1.37
N ARG B 176 -5.77 -32.96 1.54
CA ARG B 176 -6.75 -32.81 0.46
C ARG B 176 -7.09 -31.32 0.30
N PHE B 177 -7.24 -30.61 1.40
CA PHE B 177 -7.54 -29.18 1.29
C PHE B 177 -6.40 -28.45 0.63
N GLN B 178 -5.18 -28.82 0.96
CA GLN B 178 -4.05 -28.15 0.37
C GLN B 178 -4.09 -28.34 -1.12
N GLN B 179 -4.47 -29.52 -1.56
CA GLN B 179 -4.51 -29.74 -2.98
C GLN B 179 -5.50 -28.77 -3.54
N ASP B 180 -6.59 -28.56 -2.81
CA ASP B 180 -7.58 -27.61 -3.29
C ASP B 180 -7.26 -26.13 -3.18
N LEU B 181 -6.62 -25.71 -2.10
CA LEU B 181 -6.31 -24.31 -1.85
C LEU B 181 -4.97 -23.78 -2.29
N TYR B 182 -4.17 -24.61 -2.92
CA TYR B 182 -2.87 -24.11 -3.34
C TYR B 182 -2.49 -24.59 -4.70
N LEU B 183 -1.51 -23.96 -5.33
CA LEU B 183 -1.12 -24.48 -6.62
C LEU B 183 0.29 -25.05 -6.53
N SER B 184 0.59 -26.01 -7.38
CA SER B 184 1.94 -26.58 -7.47
C SER B 184 2.24 -26.78 -8.92
N PHE B 185 3.53 -26.76 -9.26
CA PHE B 185 3.97 -26.86 -10.65
C PHE B 185 5.36 -27.46 -10.62
N THR B 186 5.81 -27.98 -11.76
CA THR B 186 7.19 -28.45 -11.84
C THR B 186 7.80 -27.85 -13.09
N CYS B 187 9.12 -27.93 -13.23
CA CYS B 187 9.73 -27.44 -14.45
C CYS B 187 11.19 -27.90 -14.55
N PRO B 188 11.76 -27.89 -15.76
CA PRO B 188 13.16 -28.29 -15.81
C PRO B 188 14.01 -27.49 -14.84
N ARG B 189 14.85 -28.15 -14.06
CA ARG B 189 15.71 -27.44 -13.13
C ARG B 189 16.67 -26.51 -13.86
N GLU B 190 16.91 -26.78 -15.12
CA GLU B 190 17.84 -25.95 -15.84
C GLU B 190 17.05 -25.09 -16.73
N ILE B 191 16.86 -23.86 -16.31
CA ILE B 191 16.09 -22.97 -17.16
C ILE B 191 16.70 -21.63 -17.45
N LEU B 192 16.13 -20.98 -18.46
CA LEU B 192 16.57 -19.67 -18.91
C LEU B 192 16.43 -18.67 -17.75
N THR B 193 17.51 -17.97 -17.44
CA THR B 193 17.55 -17.07 -16.29
C THR B 193 17.80 -15.67 -16.77
N LYS B 194 17.04 -14.71 -16.27
CA LYS B 194 17.23 -13.33 -16.65
C LYS B 194 17.35 -12.46 -15.39
N ILE B 195 18.19 -11.44 -15.43
CA ILE B 195 18.40 -10.52 -14.33
C ILE B 195 18.22 -9.15 -14.95
N CYS B 196 17.46 -8.22 -14.38
CA CYS B 196 17.24 -6.86 -14.94
C CYS B 196 17.62 -5.89 -13.83
N LEU B 197 18.45 -4.89 -14.03
CA LEU B 197 18.81 -3.97 -12.95
C LEU B 197 18.57 -2.56 -13.56
N PHE B 198 17.98 -1.62 -12.85
CA PHE B 198 17.84 -0.28 -13.41
C PHE B 198 18.54 0.59 -12.42
N THR B 199 19.59 1.30 -12.77
CA THR B 199 20.22 2.11 -11.75
C THR B 199 19.91 3.58 -11.87
N ARG B 200 19.36 4.17 -10.83
CA ARG B 200 19.09 5.59 -10.76
C ARG B 200 19.63 6.07 -9.43
N PRO B 201 20.53 7.03 -9.41
CA PRO B 201 21.09 7.45 -8.15
C PRO B 201 20.10 8.22 -7.31
N ALA B 202 20.29 8.10 -6.01
CA ALA B 202 19.47 8.79 -5.06
C ALA B 202 20.34 8.79 -3.82
N SER B 203 19.99 9.60 -2.83
CA SER B 203 20.74 9.62 -1.58
C SER B 203 20.46 8.40 -0.71
N GLN B 204 19.19 8.01 -0.67
CA GLN B 204 18.76 6.89 0.14
C GLN B 204 17.74 6.05 -0.58
N TYR B 205 17.81 4.74 -0.38
CA TYR B 205 16.88 3.81 -1.01
C TYR B 205 16.12 3.02 0.04
N LEU B 206 16.88 2.37 0.92
CA LEU B 206 16.31 1.56 1.99
C LEU B 206 16.59 2.08 3.39
N PHE B 207 17.45 3.08 3.50
CA PHE B 207 17.80 3.65 4.78
C PHE B 207 17.53 5.15 4.82
N PRO B 208 16.27 5.54 5.11
CA PRO B 208 15.88 6.95 5.11
C PRO B 208 16.81 7.83 5.93
N ASP B 209 17.19 8.97 5.38
CA ASP B 209 18.03 9.95 6.09
C ASP B 209 19.45 9.48 6.41
N SER B 210 19.84 8.31 5.91
CA SER B 210 21.24 7.91 6.04
C SER B 210 22.17 8.86 5.27
N SER B 211 21.61 9.55 4.27
CA SER B 211 22.35 10.57 3.51
C SER B 211 23.00 11.59 4.44
N LYS B 212 22.43 11.73 5.61
CA LYS B 212 22.88 12.65 6.61
C LYS B 212 24.00 12.10 7.44
N ASN B 213 24.39 10.87 7.17
CA ASN B 213 25.51 10.32 7.91
C ASN B 213 26.76 10.55 7.10
N SER B 214 27.70 11.25 7.69
CA SER B 214 28.93 11.61 7.01
C SER B 214 29.71 10.39 6.65
N LYS B 215 29.65 9.39 7.48
CA LYS B 215 30.37 8.18 7.23
C LYS B 215 29.90 7.54 5.95
N LYS B 216 28.65 7.72 5.60
CA LYS B 216 28.14 7.09 4.40
C LYS B 216 28.72 7.63 3.13
N HIS B 217 28.95 6.74 2.18
CA HIS B 217 29.48 7.12 0.89
C HIS B 217 28.40 6.99 -0.15
N ILE B 218 28.08 8.09 -0.80
CA ILE B 218 27.03 8.14 -1.80
C ILE B 218 27.61 8.22 -3.16
N LEU B 219 27.10 7.42 -4.06
CA LEU B 219 27.58 7.37 -5.42
C LEU B 219 26.75 8.18 -6.36
N ASN B 220 27.40 8.82 -7.31
CA ASN B 220 26.71 9.54 -8.35
C ASN B 220 26.26 8.48 -9.31
N GLY B 221 25.48 8.83 -10.31
CA GLY B 221 24.97 7.82 -11.20
C GLY B 221 26.03 7.01 -11.90
N GLU B 222 27.10 7.66 -12.33
CA GLU B 222 28.15 6.96 -13.02
C GLU B 222 28.83 5.97 -12.11
N GLU B 223 29.07 6.37 -10.89
CA GLU B 223 29.71 5.50 -9.95
C GLU B 223 28.84 4.32 -9.69
N LEU B 224 27.56 4.57 -9.56
CA LEU B 224 26.61 3.54 -9.27
C LEU B 224 26.52 2.51 -10.36
N MET B 225 26.48 2.97 -11.58
CA MET B 225 26.40 2.07 -12.69
C MET B 225 27.61 1.21 -12.74
N LYS B 226 28.75 1.80 -12.48
CA LYS B 226 29.96 1.06 -12.50
C LYS B 226 29.93 0.01 -11.45
N TRP B 227 29.36 0.37 -10.30
CA TRP B 227 29.28 -0.55 -9.20
C TRP B 227 28.44 -1.74 -9.54
N TRP B 228 27.29 -1.52 -10.14
CA TRP B 228 26.42 -2.65 -10.51
C TRP B 228 26.96 -3.36 -11.74
N GLY B 229 27.67 -2.59 -12.57
CA GLY B 229 28.31 -3.13 -13.75
C GLY B 229 29.35 -4.15 -13.35
N PHE B 230 30.15 -3.82 -12.37
CA PHE B 230 31.15 -4.75 -11.92
C PHE B 230 30.56 -6.01 -11.35
N ILE B 231 29.51 -5.91 -10.56
CA ILE B 231 28.95 -7.11 -9.99
C ILE B 231 28.40 -8.03 -11.02
N LEU B 232 27.72 -7.46 -12.00
CA LEU B 232 27.10 -8.24 -13.03
C LEU B 232 28.11 -8.96 -13.86
N ASP B 233 29.22 -8.30 -14.12
CA ASP B 233 30.25 -8.87 -14.92
C ASP B 233 30.74 -10.13 -14.25
N ARG B 234 30.96 -10.11 -12.95
CA ARG B 234 31.40 -11.29 -12.25
C ARG B 234 30.34 -12.35 -12.28
N LEU B 235 29.11 -11.96 -12.15
CA LEU B 235 28.11 -12.96 -12.13
C LEU B 235 28.16 -13.70 -13.41
N LEU B 236 28.38 -12.97 -14.48
CA LEU B 236 28.41 -13.55 -15.80
C LEU B 236 29.53 -14.53 -15.97
N ILE B 237 30.71 -14.15 -15.52
CA ILE B 237 31.85 -15.03 -15.61
C ILE B 237 31.80 -16.24 -14.72
N GLU B 238 31.42 -16.01 -13.48
CA GLU B 238 31.30 -17.04 -12.47
C GLU B 238 30.16 -18.01 -12.56
N CYS B 239 28.99 -17.55 -12.92
CA CYS B 239 27.84 -18.41 -12.92
C CYS B 239 27.10 -18.60 -14.20
N PHE B 240 27.56 -18.04 -15.29
CA PHE B 240 26.81 -18.17 -16.52
C PHE B 240 27.58 -18.83 -17.64
N GLN B 241 26.83 -19.44 -18.54
CA GLN B 241 27.41 -20.10 -19.68
C GLN B 241 27.94 -19.06 -20.65
N ASN B 242 28.81 -19.49 -21.54
CA ASN B 242 29.52 -18.60 -22.42
C ASN B 242 28.78 -17.75 -23.42
N ASP B 243 27.76 -18.23 -24.09
CA ASP B 243 27.18 -17.27 -24.99
C ASP B 243 25.90 -16.82 -24.33
N THR B 244 26.03 -15.78 -23.53
CA THR B 244 24.94 -15.26 -22.75
C THR B 244 24.78 -13.79 -22.96
N GLN B 245 23.54 -13.34 -23.08
CA GLN B 245 23.22 -11.94 -23.29
C GLN B 245 23.58 -11.04 -22.13
N ALA B 246 24.21 -9.93 -22.43
CA ALA B 246 24.61 -8.98 -21.43
C ALA B 246 24.36 -7.69 -22.10
N LYS B 247 23.40 -6.93 -21.63
CA LYS B 247 23.09 -5.69 -22.28
C LYS B 247 23.05 -4.51 -21.38
N LEU B 248 23.61 -3.41 -21.83
CA LEU B 248 23.60 -2.21 -21.04
C LEU B 248 23.16 -1.05 -21.86
N ARG B 249 22.31 -0.24 -21.28
CA ARG B 249 21.78 0.94 -21.91
C ARG B 249 21.98 2.08 -20.98
N ILE B 250 22.51 3.21 -21.43
CA ILE B 250 22.52 4.36 -20.58
C ILE B 250 21.75 5.37 -21.37
N PRO B 251 20.57 5.75 -20.91
CA PRO B 251 19.77 6.69 -21.68
C PRO B 251 20.37 8.07 -21.85
N GLY B 252 20.27 8.59 -23.05
CA GLY B 252 20.75 9.92 -23.36
C GLY B 252 22.24 10.09 -23.49
N GLU B 253 22.96 8.99 -23.57
CA GLU B 253 24.38 9.03 -23.67
C GLU B 253 24.73 8.51 -25.03
N ASP B 254 25.78 9.02 -25.65
CA ASP B 254 26.17 8.55 -26.96
C ASP B 254 26.72 7.15 -26.82
N PRO B 255 26.44 6.30 -27.81
CA PRO B 255 26.80 4.89 -27.82
C PRO B 255 28.30 4.59 -27.93
N ALA B 256 29.13 5.50 -28.44
CA ALA B 256 30.54 5.22 -28.42
C ALA B 256 31.04 5.13 -27.01
N ARG B 257 30.57 6.02 -26.14
CA ARG B 257 31.02 5.96 -24.76
C ARG B 257 30.55 4.69 -24.09
N VAL B 258 29.29 4.37 -24.29
CA VAL B 258 28.73 3.18 -23.69
C VAL B 258 29.41 1.93 -24.19
N ARG B 259 29.57 1.88 -25.49
CA ARG B 259 30.22 0.76 -26.15
C ARG B 259 31.64 0.66 -25.65
N SER B 260 32.20 1.81 -25.29
CA SER B 260 33.59 1.88 -24.85
C SER B 260 33.76 1.48 -23.40
N TYR B 261 32.78 1.86 -22.57
CA TYR B 261 32.70 1.37 -21.21
C TYR B 261 32.65 -0.16 -21.25
N LEU B 262 31.68 -0.69 -22.00
CA LEU B 262 31.56 -2.14 -22.16
C LEU B 262 32.86 -2.84 -22.56
N ARG B 263 33.55 -2.33 -23.58
CA ARG B 263 34.81 -2.95 -24.02
C ARG B 263 35.67 -3.38 -22.83
N GLY B 264 35.67 -2.54 -21.80
CA GLY B 264 36.43 -2.77 -20.59
C GLY B 264 36.01 -3.91 -19.66
N MET B 265 34.80 -4.42 -19.81
CA MET B 265 34.32 -5.51 -18.98
C MET B 265 35.06 -6.83 -19.21
N LYS B 266 35.21 -7.64 -18.18
CA LYS B 266 35.88 -8.92 -18.34
C LYS B 266 35.14 -9.85 -19.27
N TYR B 267 33.83 -9.94 -19.12
CA TYR B 267 33.06 -10.80 -19.99
C TYR B 267 33.17 -10.14 -21.33
N PRO B 268 33.34 -10.91 -22.39
CA PRO B 268 33.54 -10.32 -23.70
C PRO B 268 32.30 -10.05 -24.53
N LEU B 269 31.12 -10.44 -24.08
CA LEU B 269 29.91 -10.26 -24.85
C LEU B 269 28.93 -9.17 -24.48
N TRP B 270 29.36 -8.21 -23.69
CA TRP B 270 28.47 -7.15 -23.32
C TRP B 270 28.11 -6.37 -24.55
N GLN B 271 26.87 -5.92 -24.65
CA GLN B 271 26.43 -5.15 -25.78
C GLN B 271 25.57 -4.00 -25.36
N VAL B 272 25.49 -2.99 -26.18
CA VAL B 272 24.66 -1.85 -25.88
C VAL B 272 23.28 -2.24 -26.30
N GLY B 273 22.30 -2.05 -25.43
CA GLY B 273 20.94 -2.42 -25.74
C GLY B 273 20.21 -3.03 -24.57
N ASP B 274 19.10 -3.70 -24.84
CA ASP B 274 18.29 -4.33 -23.81
C ASP B 274 17.98 -5.76 -24.16
N ILE B 275 17.52 -6.53 -23.18
CA ILE B 275 17.25 -7.94 -23.45
C ILE B 275 15.79 -8.15 -23.82
N PHE B 276 15.12 -7.08 -24.14
CA PHE B 276 13.74 -7.17 -24.49
C PHE B 276 13.45 -7.05 -25.97
N THR B 277 14.43 -6.70 -26.77
CA THR B 277 14.21 -6.56 -28.20
C THR B 277 13.87 -7.89 -28.82
N SER B 278 12.86 -7.90 -29.66
CA SER B 278 12.45 -9.14 -30.29
C SER B 278 12.51 -9.23 -31.79
N LYS B 279 12.52 -10.47 -32.23
CA LYS B 279 12.57 -10.81 -33.61
C LYS B 279 11.35 -10.25 -34.29
N GLU B 280 10.21 -10.42 -33.65
CA GLU B 280 8.94 -9.94 -34.17
C GLU B 280 8.87 -8.43 -34.17
N ASN B 281 9.71 -7.80 -33.38
CA ASN B 281 9.68 -6.36 -33.35
C ASN B 281 8.33 -5.81 -33.04
N SER B 282 7.76 -6.23 -31.92
CA SER B 282 6.45 -5.81 -31.48
C SER B 282 6.47 -4.46 -30.82
N LEU B 283 5.34 -4.06 -30.26
CA LEU B 283 5.19 -2.79 -29.57
C LEU B 283 5.87 -2.77 -28.22
N ALA B 284 6.05 -1.60 -27.66
CA ALA B 284 6.70 -1.50 -26.37
C ALA B 284 5.96 -2.19 -25.25
N VAL B 285 4.65 -2.10 -25.23
CA VAL B 285 3.90 -2.67 -24.14
C VAL B 285 4.11 -4.15 -24.05
N TYR B 286 4.26 -4.79 -25.19
CA TYR B 286 4.39 -6.24 -25.27
C TYR B 286 5.79 -6.79 -25.03
N ASN B 287 6.76 -5.92 -24.83
CA ASN B 287 8.09 -6.40 -24.56
C ASN B 287 8.68 -5.93 -23.24
N ILE B 288 8.05 -4.96 -22.62
CA ILE B 288 8.57 -4.35 -21.40
C ILE B 288 7.94 -4.88 -20.15
N PRO B 289 8.78 -5.32 -19.24
CA PRO B 289 8.37 -5.87 -17.96
C PRO B 289 8.00 -4.82 -16.95
N LEU B 290 6.90 -5.06 -16.27
CA LEU B 290 6.41 -4.15 -15.25
C LEU B 290 6.82 -4.60 -13.85
N PHE B 291 7.83 -3.95 -13.31
CA PHE B 291 8.36 -4.25 -12.00
C PHE B 291 7.94 -3.28 -10.93
N PRO B 292 8.06 -3.70 -9.69
CA PRO B 292 7.69 -2.85 -8.56
C PRO B 292 8.61 -1.67 -8.44
N ASP B 293 8.01 -0.50 -8.32
CA ASP B 293 8.77 0.74 -8.18
C ASP B 293 9.80 0.88 -9.27
N ASP B 294 9.43 0.61 -10.50
CA ASP B 294 10.38 0.71 -11.56
C ASP B 294 10.08 1.71 -12.65
N PRO B 295 11.11 2.53 -12.93
CA PRO B 295 11.17 3.52 -13.98
C PRO B 295 10.47 3.09 -15.25
OH ALY B 296 14.77 -2.79 -14.99
CH ALY B 296 14.23 -2.95 -16.08
CH3 ALY B 296 14.72 -3.92 -17.10
NZ ALY B 296 13.18 -2.23 -16.44
CE ALY B 296 12.45 -2.30 -17.69
CD ALY B 296 12.70 -0.97 -18.36
CG ALY B 296 12.03 0.22 -17.66
CB ALY B 296 10.52 0.09 -17.53
CA ALY B 296 9.94 1.39 -16.99
N ALY B 296 10.58 1.86 -15.77
C ALY B 296 8.44 1.23 -16.79
O ALY B 296 7.67 1.45 -17.71
N ALA B 297 8.01 0.86 -15.60
CA ALA B 297 6.60 0.60 -15.40
C ALA B 297 5.81 1.89 -15.22
N ARG B 298 6.36 2.83 -14.46
CA ARG B 298 5.71 4.12 -14.28
C ARG B 298 5.41 4.74 -15.62
N PHE B 299 6.35 4.58 -16.55
CA PHE B 299 6.19 5.18 -17.84
C PHE B 299 5.24 4.40 -18.76
N ILE B 300 5.21 3.07 -18.63
CA ILE B 300 4.24 2.29 -19.38
C ILE B 300 2.84 2.64 -18.91
N HIS B 301 2.72 2.99 -17.63
CA HIS B 301 1.43 3.37 -17.08
C HIS B 301 0.94 4.67 -17.68
N GLN B 302 1.80 5.69 -17.72
CA GLN B 302 1.48 6.91 -18.45
C GLN B 302 1.00 6.61 -19.87
N LEU B 303 1.77 5.84 -20.64
CA LEU B 303 1.34 5.53 -22.00
C LEU B 303 -0.06 4.90 -22.02
N ALA B 304 -0.48 4.34 -20.89
CA ALA B 304 -1.76 3.66 -20.81
C ALA B 304 -2.85 4.70 -20.58
N GLU B 305 -2.52 5.64 -19.71
CA GLU B 305 -3.40 6.71 -19.30
C GLU B 305 -3.64 7.70 -20.44
N GLU B 306 -2.92 7.52 -21.54
CA GLU B 306 -3.02 8.40 -22.71
C GLU B 306 -3.39 7.63 -23.97
N ASP B 307 -3.73 6.38 -23.81
CA ASP B 307 -4.12 5.55 -24.92
C ASP B 307 -3.02 5.47 -25.93
N ARG B 308 -1.78 5.61 -25.48
CA ARG B 308 -0.66 5.53 -26.40
C ARG B 308 -0.05 4.13 -26.49
N LEU B 309 -0.46 3.21 -25.65
CA LEU B 309 0.22 1.93 -25.62
C LEU B 309 0.40 1.39 -27.00
N LEU B 310 -0.63 1.46 -27.82
CA LEU B 310 -0.54 0.96 -29.17
C LEU B 310 0.39 1.79 -30.03
N LYS B 311 0.44 3.07 -29.73
CA LYS B 311 1.29 3.98 -30.46
C LYS B 311 2.79 3.76 -30.37
N VAL B 312 3.31 3.53 -29.18
CA VAL B 312 4.75 3.35 -29.00
C VAL B 312 5.41 2.05 -29.43
N SER B 313 6.66 2.17 -29.83
CA SER B 313 7.44 1.04 -30.28
C SER B 313 8.65 1.01 -29.42
N LEU B 314 9.41 -0.06 -29.50
CA LEU B 314 10.56 -0.14 -28.64
C LEU B 314 11.58 0.92 -28.85
N SER B 315 11.85 1.25 -30.09
CA SER B 315 12.87 2.23 -30.29
C SER B 315 12.37 3.55 -29.78
N SER B 316 11.12 3.83 -30.07
CA SER B 316 10.53 5.05 -29.61
C SER B 316 10.47 5.09 -28.11
N PHE B 317 10.22 3.95 -27.51
CA PHE B 317 10.01 3.90 -26.08
C PHE B 317 11.18 4.37 -25.29
N TRP B 318 12.36 3.93 -25.65
CA TRP B 318 13.51 4.34 -24.89
C TRP B 318 13.68 5.82 -24.99
N ILE B 319 13.49 6.35 -26.18
CA ILE B 319 13.63 7.76 -26.37
C ILE B 319 12.63 8.54 -25.60
N GLU B 320 11.39 8.10 -25.65
CA GLU B 320 10.34 8.80 -24.95
C GLU B 320 10.55 8.77 -23.46
N LEU B 321 11.04 7.67 -22.96
CA LEU B 321 11.26 7.55 -21.54
C LEU B 321 12.27 8.51 -21.00
N GLN B 322 13.34 8.72 -21.72
CA GLN B 322 14.40 9.57 -21.24
C GLN B 322 13.93 10.98 -21.06
N GLU B 323 12.93 11.34 -21.84
CA GLU B 323 12.33 12.67 -21.79
C GLU B 323 11.63 13.03 -20.48
N ARG B 324 10.99 12.04 -19.86
CA ARG B 324 10.19 12.27 -18.69
C ARG B 324 10.89 12.84 -17.47
N GLN B 325 10.13 13.50 -16.63
CA GLN B 325 10.65 14.17 -15.44
C GLN B 325 11.53 13.44 -14.46
N GLU B 326 11.26 12.19 -14.16
CA GLU B 326 12.14 11.54 -13.21
C GLU B 326 13.54 11.55 -13.81
N PHE B 327 13.62 11.57 -15.13
CA PHE B 327 14.89 11.60 -15.83
C PHE B 327 15.48 12.96 -16.08
N LYS B 328 16.01 13.62 -15.05
CA LYS B 328 16.62 14.92 -15.31
C LYS B 328 18.12 14.81 -15.47
N LEU B 329 18.59 14.82 -16.72
CA LEU B 329 20.01 14.80 -16.97
C LEU B 329 20.62 16.18 -16.79
N SER B 330 21.92 16.21 -16.52
CA SER B 330 22.66 14.96 -16.48
C SER B 330 22.69 14.32 -15.13
N VAL B 331 22.20 13.10 -15.13
CA VAL B 331 22.21 12.21 -14.00
C VAL B 331 22.41 10.97 -14.80
N THR B 332 23.03 9.96 -14.26
CA THR B 332 23.21 8.81 -15.10
C THR B 332 22.33 7.70 -14.62
N SER B 333 21.52 7.20 -15.54
CA SER B 333 20.63 6.12 -15.25
C SER B 333 21.01 5.08 -16.22
N SER B 334 21.05 3.83 -15.78
CA SER B 334 21.29 2.74 -16.71
C SER B 334 20.38 1.56 -16.48
N VAL B 335 20.13 0.81 -17.52
CA VAL B 335 19.35 -0.40 -17.43
C VAL B 335 20.25 -1.52 -17.85
N MET B 336 20.34 -2.58 -17.05
CA MET B 336 21.19 -3.69 -17.36
C MET B 336 20.41 -4.96 -17.48
N GLY B 337 20.78 -5.83 -18.41
CA GLY B 337 20.10 -7.08 -18.56
C GLY B 337 20.99 -8.25 -18.86
N ILE B 338 20.63 -9.41 -18.34
CA ILE B 338 21.35 -10.63 -18.56
C ILE B 338 20.37 -11.69 -18.95
N SER B 339 20.64 -12.43 -20.01
CA SER B 339 19.79 -13.55 -20.40
C SER B 339 20.68 -14.73 -20.71
N GLY B 340 20.36 -15.92 -20.23
CA GLY B 340 21.20 -17.06 -20.48
C GLY B 340 21.04 -18.21 -19.50
N TYR B 341 21.95 -19.16 -19.56
CA TYR B 341 21.85 -20.37 -18.74
C TYR B 341 23.00 -20.43 -17.76
N SER B 342 22.74 -21.03 -16.59
CA SER B 342 23.78 -21.11 -15.54
C SER B 342 24.85 -22.19 -15.86
N LEU B 343 26.10 -21.90 -15.48
CA LEU B 343 27.17 -22.90 -15.55
C LEU B 343 26.69 -24.16 -14.88
N ALA B 344 26.52 -24.10 -13.58
CA ALA B 344 26.06 -25.21 -12.78
C ALA B 344 24.54 -25.26 -12.77
N THR B 345 23.95 -26.43 -12.67
CA THR B 345 22.51 -26.57 -12.65
C THR B 345 22.01 -26.05 -11.33
N PRO B 346 20.82 -25.47 -11.31
CA PRO B 346 20.27 -24.94 -10.06
C PRO B 346 19.60 -26.07 -9.34
N SER B 347 20.18 -26.48 -8.23
CA SER B 347 19.63 -27.57 -7.45
C SER B 347 19.21 -27.26 -6.05
N LEU B 348 19.64 -26.14 -5.54
CA LEU B 348 19.33 -25.73 -4.18
C LEU B 348 17.91 -25.41 -3.75
N PHE B 349 17.56 -25.89 -2.56
CA PHE B 349 16.25 -25.67 -1.96
C PHE B 349 16.61 -25.05 -0.62
N PRO B 350 16.14 -23.84 -0.37
CA PRO B 350 16.43 -23.15 0.87
C PRO B 350 15.78 -23.73 2.09
N SER B 351 16.45 -23.61 3.21
CA SER B 351 15.98 -24.12 4.48
C SER B 351 15.74 -23.00 5.46
N SER B 352 15.14 -23.34 6.58
CA SER B 352 14.83 -22.37 7.60
C SER B 352 16.13 -21.72 7.94
N ALA B 353 17.21 -22.48 7.89
CA ALA B 353 18.49 -21.90 8.19
C ALA B 353 18.71 -20.82 7.15
N ASP B 354 18.37 -21.12 5.92
CA ASP B 354 18.51 -20.19 4.80
C ASP B 354 17.57 -18.97 4.75
N VAL B 355 16.30 -19.18 5.07
CA VAL B 355 15.36 -18.08 5.02
C VAL B 355 14.19 -18.16 5.98
N ILE B 356 13.60 -17.01 6.26
CA ILE B 356 12.47 -16.95 7.14
C ILE B 356 11.29 -16.60 6.28
N VAL B 357 10.26 -17.42 6.29
CA VAL B 357 9.12 -17.10 5.48
C VAL B 357 7.98 -16.80 6.41
N PRO B 358 7.52 -15.57 6.41
CA PRO B 358 6.42 -15.20 7.27
C PRO B 358 5.16 -15.82 6.77
N LYS B 359 4.21 -15.98 7.67
CA LYS B 359 2.93 -16.57 7.40
C LYS B 359 2.05 -15.77 6.47
N SER B 360 2.30 -14.48 6.38
CA SER B 360 1.47 -13.64 5.53
C SER B 360 2.27 -12.48 4.93
N ARG B 361 1.67 -11.75 4.00
CA ARG B 361 2.30 -10.55 3.48
C ARG B 361 2.37 -9.54 4.61
N LYS B 362 1.32 -9.50 5.42
CA LYS B 362 1.23 -8.57 6.51
C LYS B 362 2.44 -8.77 7.42
N GLN B 363 2.74 -10.02 7.75
CA GLN B 363 3.82 -10.25 8.70
C GLN B 363 5.16 -9.96 8.04
N PHE B 364 5.31 -10.35 6.77
CA PHE B 364 6.46 -9.98 5.95
C PHE B 364 6.72 -8.46 5.91
N ARG B 365 5.68 -7.68 5.66
CA ARG B 365 5.80 -6.24 5.61
C ARG B 365 6.17 -5.64 6.96
N ALA B 366 5.61 -6.20 8.03
CA ALA B 366 5.88 -5.71 9.38
C ALA B 366 7.37 -5.79 9.74
N ILE B 367 7.98 -6.92 9.47
CA ILE B 367 9.38 -7.09 9.74
C ILE B 367 10.28 -6.21 8.92
N LYS B 368 9.97 -6.09 7.65
CA LYS B 368 10.76 -5.30 6.74
C LYS B 368 10.73 -3.87 7.15
N LYS B 369 9.58 -3.46 7.63
CA LYS B 369 9.32 -2.11 8.02
C LYS B 369 10.22 -1.67 9.14
N TYR B 370 10.64 -2.59 9.99
CA TYR B 370 11.50 -2.21 11.06
C TYR B 370 12.77 -1.67 10.47
N ILE B 371 13.27 -2.28 9.42
CA ILE B 371 14.42 -1.76 8.73
C ILE B 371 14.21 -0.52 7.90
N THR B 372 13.16 -0.51 7.10
CA THR B 372 12.92 0.58 6.17
C THR B 372 12.12 1.73 6.68
N GLY B 373 11.55 1.61 7.86
CA GLY B 373 10.80 2.72 8.41
C GLY B 373 11.60 3.54 9.39
N GLU B 374 12.81 3.10 9.64
CA GLU B 374 13.71 3.73 10.57
C GLU B 374 14.32 4.98 10.03
N GLU B 375 14.92 5.76 10.91
CA GLU B 375 15.62 6.96 10.53
C GLU B 375 17.07 6.72 10.79
N TYR B 376 17.91 6.96 9.81
CA TYR B 376 19.33 6.69 9.96
C TYR B 376 20.18 7.95 9.90
N ASP B 377 19.61 9.06 10.34
CA ASP B 377 20.32 10.30 10.44
C ASP B 377 21.43 10.12 11.44
N THR B 378 21.17 9.33 12.46
CA THR B 378 22.16 9.04 13.48
C THR B 378 22.23 7.56 13.70
N GLU B 379 23.25 7.12 14.37
CA GLU B 379 23.51 5.73 14.59
C GLU B 379 22.42 5.07 15.38
N GLU B 380 21.68 5.84 16.14
CA GLU B 380 20.68 5.29 17.00
C GLU B 380 19.69 4.52 16.16
N GLY B 381 19.41 5.00 14.98
CA GLY B 381 18.52 4.32 14.07
C GLY B 381 19.01 2.97 13.63
N ALA B 382 20.29 2.85 13.39
CA ALA B 382 20.85 1.59 12.96
C ALA B 382 20.72 0.55 14.03
N ILE B 383 20.94 0.96 15.26
CA ILE B 383 20.79 0.12 16.42
C ILE B 383 19.36 -0.27 16.67
N GLU B 384 18.47 0.68 16.49
CA GLU B 384 17.07 0.44 16.71
C GLU B 384 16.55 -0.58 15.78
N ALA B 385 16.99 -0.53 14.54
CA ALA B 385 16.54 -1.49 13.58
C ALA B 385 16.96 -2.86 13.98
N PHE B 386 18.18 -2.98 14.45
CA PHE B 386 18.64 -4.26 14.87
C PHE B 386 17.86 -4.75 16.05
N THR B 387 17.64 -3.87 17.00
CA THR B 387 16.89 -4.19 18.20
C THR B 387 15.46 -4.67 17.91
N ASN B 388 14.72 -3.91 17.10
CA ASN B 388 13.37 -4.34 16.79
C ASN B 388 13.31 -5.65 16.03
N ILE B 389 14.17 -5.81 15.04
CA ILE B 389 14.12 -6.98 14.21
C ILE B 389 14.35 -8.21 15.07
N ARG B 390 15.25 -8.09 16.03
CA ARG B 390 15.60 -9.22 16.86
C ARG B 390 14.49 -9.55 17.85
N ASP B 391 14.07 -8.53 18.59
CA ASP B 391 13.01 -8.66 19.58
C ASP B 391 11.72 -9.11 18.90
N PHE B 392 11.41 -8.54 17.75
CA PHE B 392 10.20 -8.99 17.07
C PHE B 392 10.29 -10.47 16.63
N LEU B 393 11.43 -10.86 16.09
CA LEU B 393 11.45 -12.23 15.68
C LEU B 393 11.32 -13.16 16.82
N LEU B 394 12.07 -12.97 17.86
CA LEU B 394 12.00 -13.90 18.95
C LEU B 394 10.63 -13.95 19.51
N LEU B 395 10.06 -12.78 19.71
CA LEU B 395 8.76 -12.65 20.31
C LEU B 395 7.61 -13.20 19.51
N ARG B 396 7.58 -12.94 18.23
CA ARG B 396 6.46 -13.37 17.45
C ARG B 396 6.76 -14.59 16.64
N MET B 397 8.02 -14.91 16.48
CA MET B 397 8.36 -16.07 15.70
C MET B 397 9.33 -17.01 16.32
N ALA B 398 9.77 -16.72 17.52
CA ALA B 398 10.66 -17.65 18.12
C ALA B 398 11.75 -17.89 17.13
N THR B 399 12.32 -16.84 16.58
CA THR B 399 13.39 -17.00 15.63
C THR B 399 14.57 -16.10 15.91
N ASN B 400 15.72 -16.48 15.41
CA ASN B 400 16.92 -15.71 15.60
C ASN B 400 17.48 -15.36 14.27
N LEU B 401 18.25 -14.30 14.22
CA LEU B 401 18.84 -13.92 12.98
C LEU B 401 19.94 -14.93 12.83
N GLN B 402 20.36 -15.19 11.61
CA GLN B 402 21.40 -16.14 11.41
C GLN B 402 22.67 -15.54 11.90
N SER B 403 23.57 -16.39 12.39
CA SER B 403 24.82 -15.90 12.89
C SER B 403 25.96 -16.64 12.23
N LEU B 404 26.99 -15.90 11.85
CA LEU B 404 28.15 -16.49 11.21
C LEU B 404 29.43 -15.71 11.37
N THR B 405 30.54 -16.35 11.04
CA THR B 405 31.87 -15.75 11.13
C THR B 405 32.54 -15.71 9.77
N GLY B 406 33.17 -14.59 9.44
CA GLY B 406 33.83 -14.45 8.16
C GLY B 406 35.05 -15.31 7.97
N LYS B 407 35.17 -15.91 6.79
CA LYS B 407 36.27 -16.80 6.50
C LYS B 407 37.33 -16.20 5.62
N ARG B 408 36.99 -15.22 4.81
CA ARG B 408 37.94 -14.69 3.86
C ARG B 408 39.14 -14.02 4.49
N GLU B 409 40.32 -14.27 3.95
CA GLU B 409 41.53 -13.65 4.47
C GLU B 409 41.88 -12.35 3.77
N SER C 3 -17.21 -27.89 32.93
CA SER C 3 -17.28 -26.45 32.69
C SER C 3 -16.48 -26.05 31.45
N ASP C 4 -16.18 -27.02 30.59
CA ASP C 4 -15.58 -26.74 29.28
C ASP C 4 -16.66 -26.23 28.34
N GLN C 5 -17.85 -26.83 28.46
CA GLN C 5 -19.05 -26.40 27.75
C GLN C 5 -19.42 -24.96 28.09
N GLU C 6 -19.70 -24.71 29.37
CA GLU C 6 -20.12 -23.38 29.82
C GLU C 6 -19.19 -22.30 29.28
N ASN C 7 -17.89 -22.59 29.29
CA ASN C 7 -16.88 -21.59 28.97
C ASN C 7 -16.81 -21.25 27.48
N GLU C 8 -16.79 -22.27 26.63
CA GLU C 8 -16.81 -22.06 25.19
C GLU C 8 -18.19 -21.57 24.76
N ASN C 9 -19.11 -21.52 25.72
CA ASN C 9 -20.46 -21.10 25.42
C ASN C 9 -20.64 -19.62 25.70
N GLU C 10 -19.90 -19.10 26.67
CA GLU C 10 -19.87 -17.67 26.93
C GLU C 10 -19.18 -16.95 25.77
N HIS C 11 -18.15 -17.57 25.22
CA HIS C 11 -17.53 -17.06 24.02
C HIS C 11 -18.53 -16.95 22.87
N ALA C 12 -19.22 -18.03 22.54
CA ALA C 12 -20.22 -17.98 21.48
C ALA C 12 -21.30 -16.91 21.71
N LYS C 13 -21.66 -16.65 22.96
CA LYS C 13 -22.67 -15.64 23.26
C LYS C 13 -22.13 -14.26 22.91
N ALA C 14 -20.92 -13.98 23.39
CA ALA C 14 -20.26 -12.70 23.13
C ALA C 14 -19.95 -12.48 21.65
N PHE C 15 -19.59 -13.53 20.93
CA PHE C 15 -19.40 -13.38 19.50
C PHE C 15 -20.70 -12.97 18.82
N LEU C 16 -21.83 -13.48 19.29
CA LEU C 16 -23.11 -13.11 18.67
C LEU C 16 -23.50 -11.70 19.05
N GLY C 17 -23.27 -11.35 20.32
CA GLY C 17 -23.43 -9.98 20.79
C GLY C 17 -22.67 -8.99 19.91
N LEU C 18 -21.41 -9.29 19.63
CA LEU C 18 -20.58 -8.40 18.85
C LEU C 18 -21.11 -8.30 17.42
N ALA C 19 -21.59 -9.42 16.91
CA ALA C 19 -22.09 -9.44 15.55
C ALA C 19 -23.28 -8.49 15.47
N LYS C 20 -24.13 -8.51 16.49
CA LYS C 20 -25.25 -7.58 16.56
C LYS C 20 -24.79 -6.12 16.65
N CYS C 21 -23.81 -5.85 17.51
CA CYS C 21 -23.28 -4.49 17.62
C CYS C 21 -22.67 -3.99 16.31
N GLU C 22 -22.10 -4.90 15.53
CA GLU C 22 -21.46 -4.49 14.28
C GLU C 22 -22.54 -4.02 13.33
N GLU C 23 -23.73 -4.60 13.49
CA GLU C 23 -24.84 -4.27 12.63
C GLU C 23 -25.53 -3.01 13.13
N GLU C 24 -25.58 -2.83 14.45
CA GLU C 24 -26.09 -1.60 15.01
C GLU C 24 -25.27 -0.43 14.49
N VAL C 25 -23.96 -0.61 14.43
CA VAL C 25 -23.07 0.47 14.03
C VAL C 25 -23.23 0.83 12.54
N ASP C 26 -23.50 -0.16 11.71
CA ASP C 26 -23.76 0.09 10.29
C ASP C 26 -25.03 0.91 10.10
N ALA C 27 -26.03 0.65 10.95
CA ALA C 27 -27.27 1.41 10.92
C ALA C 27 -26.99 2.87 11.31
N ILE C 28 -26.25 3.04 12.38
CA ILE C 28 -25.93 4.34 12.87
C ILE C 28 -25.15 5.11 11.85
N GLU C 29 -24.25 4.47 11.15
CA GLU C 29 -23.49 5.20 10.18
C GLU C 29 -24.40 5.77 9.13
N ARG C 30 -25.40 5.03 8.73
CA ARG C 30 -26.35 5.52 7.76
C ARG C 30 -27.13 6.68 8.31
N GLU C 31 -27.53 6.60 9.54
CA GLU C 31 -28.29 7.69 10.11
C GLU C 31 -27.47 8.94 10.16
N VAL C 32 -26.23 8.80 10.56
CA VAL C 32 -25.36 9.93 10.65
C VAL C 32 -25.14 10.52 9.31
N GLU C 33 -24.98 9.69 8.32
CA GLU C 33 -24.67 10.18 6.98
C GLU C 33 -25.87 10.90 6.38
N LEU C 34 -27.07 10.37 6.63
CA LEU C 34 -28.31 11.04 6.28
C LEU C 34 -28.39 12.40 6.98
N TYR C 35 -28.28 12.37 8.30
CA TYR C 35 -28.27 13.59 9.09
C TYR C 35 -27.37 14.61 8.40
N ARG C 36 -26.17 14.19 8.03
CA ARG C 36 -25.26 15.13 7.41
C ARG C 36 -25.84 15.62 6.07
N LEU C 37 -26.38 14.72 5.29
CA LEU C 37 -26.93 15.06 4.00
C LEU C 37 -28.09 16.00 4.13
N ASN C 38 -28.93 15.80 5.11
CA ASN C 38 -30.05 16.70 5.30
C ASN C 38 -29.64 18.12 5.62
N LYS C 39 -28.63 18.27 6.45
CA LYS C 39 -28.15 19.59 6.82
C LYS C 39 -27.44 20.24 5.64
N MET C 40 -26.66 19.47 4.89
CA MET C 40 -25.90 20.01 3.77
C MET C 40 -26.75 20.50 2.59
N LYS C 41 -27.99 20.03 2.48
CA LYS C 41 -28.81 20.38 1.33
C LYS C 41 -29.05 21.89 1.21
N PRO C 42 -29.70 22.50 2.22
CA PRO C 42 -29.93 23.94 2.21
C PRO C 42 -28.65 24.73 1.96
N VAL C 43 -27.53 24.32 2.57
CA VAL C 43 -26.27 25.04 2.40
C VAL C 43 -25.78 24.95 0.96
N TYR C 44 -25.98 23.80 0.34
CA TYR C 44 -25.56 23.60 -1.02
C TYR C 44 -26.36 24.47 -1.93
N GLU C 45 -27.66 24.54 -1.68
CA GLU C 45 -28.54 25.34 -2.50
C GLU C 45 -28.14 26.78 -2.44
N LYS C 46 -27.84 27.22 -1.24
CA LYS C 46 -27.44 28.57 -1.08
C LYS C 46 -26.15 28.76 -1.85
N ARG C 47 -25.27 27.80 -1.74
CA ARG C 47 -23.99 27.85 -2.40
C ARG C 47 -24.02 27.87 -3.91
N ASP C 48 -24.86 27.05 -4.52
CA ASP C 48 -24.95 26.99 -5.97
C ASP C 48 -25.47 28.33 -6.47
N ALA C 49 -26.53 28.81 -5.85
CA ALA C 49 -27.09 30.11 -6.22
C ALA C 49 -26.05 31.25 -6.28
N TYR C 50 -25.01 31.17 -5.47
CA TYR C 50 -23.91 32.14 -5.56
C TYR C 50 -23.00 31.82 -6.75
N ILE C 51 -22.93 30.56 -7.14
CA ILE C 51 -21.95 30.10 -8.13
C ILE C 51 -22.24 30.61 -9.56
N ASP C 52 -23.51 30.72 -9.91
CA ASP C 52 -23.87 31.18 -11.25
C ASP C 52 -23.25 32.54 -11.47
N GLU C 53 -23.40 33.41 -10.47
CA GLU C 53 -22.86 34.75 -10.51
C GLU C 53 -21.39 34.77 -10.88
N ILE C 54 -20.73 33.63 -10.77
CA ILE C 54 -19.34 33.60 -11.14
C ILE C 54 -19.20 32.93 -12.49
N ALA C 55 -18.66 33.65 -13.46
CA ALA C 55 -18.49 33.10 -14.78
C ALA C 55 -17.36 32.12 -14.87
N GLU C 56 -17.61 31.00 -15.52
CA GLU C 56 -16.57 29.99 -15.67
C GLU C 56 -16.08 29.43 -14.38
N PHE C 57 -16.93 29.43 -13.38
CA PHE C 57 -16.46 28.89 -12.15
C PHE C 57 -16.13 27.44 -12.38
N TRP C 58 -17.06 26.74 -12.99
CA TRP C 58 -16.87 25.34 -13.27
C TRP C 58 -15.73 25.08 -14.21
N LYS C 59 -15.57 25.91 -15.21
CA LYS C 59 -14.48 25.66 -16.10
C LYS C 59 -13.17 25.74 -15.37
N ILE C 60 -13.03 26.77 -14.57
CA ILE C 60 -11.79 26.89 -13.86
C ILE C 60 -11.58 25.74 -12.95
N VAL C 61 -12.64 25.35 -12.27
CA VAL C 61 -12.53 24.23 -11.35
C VAL C 61 -12.12 22.96 -12.02
N LEU C 62 -12.72 22.67 -13.15
CA LEU C 62 -12.36 21.45 -13.82
C LEU C 62 -10.94 21.48 -14.26
N SER C 63 -10.50 22.61 -14.78
CA SER C 63 -9.12 22.66 -15.20
C SER C 63 -8.18 22.50 -14.03
N GLN C 64 -8.56 23.08 -12.91
CA GLN C 64 -7.75 22.97 -11.72
C GLN C 64 -7.64 21.60 -11.06
N HIS C 65 -8.71 20.81 -11.03
CA HIS C 65 -8.61 19.53 -10.37
C HIS C 65 -7.50 18.69 -10.96
N VAL C 66 -6.72 18.07 -10.09
CA VAL C 66 -5.57 17.27 -10.51
C VAL C 66 -5.88 16.07 -11.43
N SER C 67 -6.60 15.08 -10.90
CA SER C 67 -6.77 13.81 -11.63
C SER C 67 -7.90 13.88 -12.66
N PHE C 68 -8.87 14.77 -12.47
CA PHE C 68 -10.01 14.81 -13.38
C PHE C 68 -9.63 14.81 -14.84
N ALA C 69 -8.47 15.37 -15.16
CA ALA C 69 -8.10 15.50 -16.56
C ALA C 69 -7.62 14.17 -17.15
N ASN C 70 -7.16 13.30 -16.29
CA ASN C 70 -6.66 11.99 -16.67
C ASN C 70 -7.74 11.14 -17.30
N TYR C 71 -8.93 11.29 -16.77
CA TYR C 71 -10.11 10.56 -17.20
C TYR C 71 -10.58 10.84 -18.60
N ILE C 72 -10.33 12.00 -19.14
CA ILE C 72 -10.83 12.30 -20.47
C ILE C 72 -9.88 12.86 -21.50
N ARG C 73 -10.34 12.80 -22.74
CA ARG C 73 -9.62 13.29 -23.89
C ARG C 73 -9.43 14.79 -23.87
N ALA C 74 -8.28 15.22 -24.36
CA ALA C 74 -7.96 16.63 -24.44
C ALA C 74 -8.93 17.34 -25.36
N SER C 75 -9.32 16.67 -26.43
CA SER C 75 -10.24 17.25 -27.38
C SER C 75 -11.47 17.60 -26.62
N ASP C 76 -11.71 16.83 -25.57
CA ASP C 76 -12.86 17.00 -24.73
C ASP C 76 -12.94 18.31 -23.99
N PHE C 77 -11.82 18.85 -23.56
CA PHE C 77 -11.86 20.06 -22.77
C PHE C 77 -12.55 21.26 -23.35
N LYS C 78 -12.49 21.43 -24.64
CA LYS C 78 -13.14 22.57 -25.21
C LYS C 78 -14.58 22.48 -24.81
N TYR C 79 -15.15 21.31 -24.90
CA TYR C 79 -16.53 21.13 -24.52
C TYR C 79 -16.75 21.24 -23.02
N ILE C 80 -15.78 20.76 -22.27
CA ILE C 80 -15.89 20.80 -20.84
C ILE C 80 -15.96 22.21 -20.35
N ASP C 81 -15.21 23.08 -20.98
CA ASP C 81 -15.16 24.47 -20.60
C ASP C 81 -16.50 25.14 -20.78
N THR C 82 -17.38 24.50 -21.50
CA THR C 82 -18.70 25.07 -21.72
C THR C 82 -19.66 24.71 -20.63
N ILE C 83 -19.19 23.97 -19.64
CA ILE C 83 -20.05 23.57 -18.52
C ILE C 83 -20.17 24.77 -17.61
N ASP C 84 -21.40 25.20 -17.36
CA ASP C 84 -21.60 26.40 -16.58
C ASP C 84 -22.47 26.11 -15.38
N LYS C 85 -22.81 24.84 -15.19
CA LYS C 85 -23.63 24.43 -14.04
C LYS C 85 -23.53 22.94 -13.71
N ILE C 86 -23.33 22.64 -12.44
CA ILE C 86 -23.33 21.25 -11.94
C ILE C 86 -24.19 21.15 -10.70
N LYS C 87 -25.00 20.10 -10.65
CA LYS C 87 -25.94 19.87 -9.55
C LYS C 87 -26.01 18.39 -9.14
N VAL C 88 -25.59 18.09 -7.92
CA VAL C 88 -25.60 16.72 -7.41
C VAL C 88 -26.74 16.58 -6.41
N GLU C 89 -27.57 15.54 -6.55
CA GLU C 89 -28.64 15.29 -5.59
C GLU C 89 -28.52 13.89 -5.01
N TRP C 90 -28.69 13.75 -3.70
CA TRP C 90 -28.43 12.48 -3.08
C TRP C 90 -29.73 11.69 -2.92
N LEU C 91 -29.88 10.67 -3.75
CA LEU C 91 -31.08 9.85 -3.77
C LEU C 91 -31.54 9.40 -2.40
N ALA C 92 -30.63 8.99 -1.54
CA ALA C 92 -31.03 8.40 -0.26
C ALA C 92 -31.89 9.36 0.60
N LEU C 93 -31.87 10.64 0.27
CA LEU C 93 -32.68 11.64 0.96
C LEU C 93 -34.16 11.35 0.71
N GLU C 94 -34.45 10.80 -0.47
CA GLU C 94 -35.83 10.56 -0.90
C GLU C 94 -36.38 9.17 -0.58
N SER C 95 -35.52 8.21 -0.26
CA SER C 95 -36.01 6.89 0.16
C SER C 95 -34.96 6.00 0.78
N GLU C 96 -35.40 5.18 1.74
CA GLU C 96 -34.48 4.27 2.45
C GLU C 96 -33.99 3.13 1.55
N MET C 97 -34.31 3.22 0.29
CA MET C 97 -33.99 2.15 -0.61
C MET C 97 -32.77 2.42 -1.43
N TYR C 98 -32.18 3.57 -1.21
CA TYR C 98 -31.03 3.95 -1.94
C TYR C 98 -29.86 3.96 -0.99
N ASP C 99 -28.68 3.70 -1.52
CA ASP C 99 -27.49 3.77 -0.73
C ASP C 99 -27.20 5.23 -0.52
N THR C 100 -26.56 5.56 0.58
CA THR C 100 -26.24 6.95 0.84
C THR C 100 -25.33 7.41 -0.25
N ARG C 101 -24.60 6.49 -0.82
CA ARG C 101 -23.72 6.78 -1.92
C ARG C 101 -24.41 7.15 -3.21
N ASP C 102 -25.64 6.69 -3.38
CA ASP C 102 -26.41 6.91 -4.59
C ASP C 102 -26.78 8.36 -4.81
N PHE C 103 -26.62 8.83 -6.04
CA PHE C 103 -26.90 10.20 -6.36
C PHE C 103 -27.19 10.45 -7.82
N SER C 104 -27.79 11.59 -8.13
CA SER C 104 -28.06 11.99 -9.50
C SER C 104 -27.29 13.25 -9.74
N ILE C 105 -26.77 13.44 -10.93
CA ILE C 105 -25.93 14.60 -11.21
C ILE C 105 -26.34 15.28 -12.51
N THR C 106 -26.52 16.59 -12.46
CA THR C 106 -26.94 17.31 -13.65
C THR C 106 -25.90 18.29 -14.10
N PHE C 107 -25.71 18.35 -15.40
CA PHE C 107 -24.78 19.29 -16.00
C PHE C 107 -25.54 20.14 -16.96
N HIS C 108 -25.17 21.40 -17.06
CA HIS C 108 -25.71 22.22 -18.10
C HIS C 108 -24.56 22.68 -18.92
N PHE C 109 -24.68 22.52 -20.22
CA PHE C 109 -23.60 22.86 -21.12
C PHE C 109 -23.97 24.08 -21.91
N HIS C 110 -23.10 25.09 -21.90
CA HIS C 110 -23.40 26.24 -22.69
C HIS C 110 -23.31 25.82 -24.14
N GLY C 111 -24.26 26.23 -24.95
CA GLY C 111 -24.21 25.84 -26.34
C GLY C 111 -23.01 26.44 -27.07
N ILE C 112 -22.43 25.66 -27.97
CA ILE C 112 -21.36 26.15 -28.81
C ILE C 112 -21.81 26.14 -30.26
N GLU C 113 -21.61 27.27 -30.92
CA GLU C 113 -21.98 27.42 -32.31
C GLU C 113 -20.70 27.40 -33.09
N GLY C 114 -20.80 26.97 -34.32
CA GLY C 114 -22.01 26.37 -34.84
C GLY C 114 -22.28 25.02 -34.24
N ASP C 115 -21.18 24.30 -34.05
CA ASP C 115 -21.14 22.88 -33.76
C ASP C 115 -21.74 22.23 -32.50
N PHE C 116 -21.59 22.84 -31.33
CA PHE C 116 -22.01 22.15 -30.12
C PHE C 116 -23.25 22.73 -29.48
N LYS C 117 -24.26 21.89 -29.31
CA LYS C 117 -25.52 22.34 -28.76
C LYS C 117 -25.45 22.62 -27.28
N GLU C 118 -26.29 23.51 -26.80
CA GLU C 118 -26.37 23.77 -25.37
C GLU C 118 -27.51 22.95 -24.80
N GLN C 119 -27.24 22.25 -23.72
CA GLN C 119 -28.21 21.35 -23.15
C GLN C 119 -27.95 21.04 -21.71
N GLN C 120 -28.96 20.48 -21.07
CA GLN C 120 -28.88 20.07 -19.69
C GLN C 120 -29.08 18.59 -19.62
N VAL C 121 -28.18 17.89 -18.95
CA VAL C 121 -28.27 16.44 -18.85
C VAL C 121 -28.16 15.94 -17.43
N THR C 122 -28.91 14.92 -17.12
CA THR C 122 -28.86 14.32 -15.79
C THR C 122 -28.55 12.84 -15.86
N LYS C 123 -27.52 12.45 -15.11
CA LYS C 123 -27.06 11.08 -15.04
C LYS C 123 -27.21 10.59 -13.63
N VAL C 124 -27.63 9.35 -13.48
CA VAL C 124 -27.86 8.79 -12.16
C VAL C 124 -27.02 7.57 -11.86
N PHE C 125 -26.46 7.51 -10.66
CA PHE C 125 -25.65 6.39 -10.26
C PHE C 125 -26.13 5.80 -8.98
N GLN C 126 -26.20 4.49 -8.93
CA GLN C 126 -26.52 3.82 -7.67
C GLN C 126 -25.73 2.56 -7.49
N ILE C 127 -25.66 2.15 -6.24
CA ILE C 127 -24.95 0.96 -5.85
C ILE C 127 -25.75 -0.30 -6.08
N LYS C 128 -25.05 -1.35 -6.52
CA LYS C 128 -25.66 -2.65 -6.77
C LYS C 128 -24.73 -3.74 -6.27
N LYS C 129 -25.29 -4.87 -5.88
CA LYS C 129 -24.50 -5.99 -5.39
C LYS C 129 -24.95 -7.20 -6.16
N GLY C 130 -24.07 -8.16 -6.36
CA GLY C 130 -24.48 -9.33 -7.11
C GLY C 130 -24.23 -10.70 -6.53
N LYS C 131 -25.31 -11.43 -6.27
CA LYS C 131 -25.23 -12.79 -5.73
C LYS C 131 -24.79 -12.98 -4.29
N ASP C 132 -23.57 -12.53 -3.98
CA ASP C 132 -23.06 -12.69 -2.63
C ASP C 132 -23.32 -11.57 -1.63
N ASP C 133 -23.84 -11.94 -0.49
CA ASP C 133 -24.15 -11.02 0.58
C ASP C 133 -22.89 -10.34 1.07
N GLN C 134 -21.82 -11.11 1.14
CA GLN C 134 -20.54 -10.58 1.60
C GLN C 134 -19.75 -9.90 0.49
N GLU C 135 -20.31 -8.83 -0.05
CA GLU C 135 -19.64 -8.09 -1.12
C GLU C 135 -19.90 -6.60 -0.92
N ASP C 136 -18.92 -5.79 -1.30
CA ASP C 136 -19.00 -4.34 -1.17
C ASP C 136 -20.05 -3.53 -1.94
N GLY C 137 -20.26 -3.86 -3.20
CA GLY C 137 -21.22 -3.16 -4.02
C GLY C 137 -20.50 -2.13 -4.86
N ILE C 138 -21.07 -1.76 -5.98
CA ILE C 138 -20.44 -0.79 -6.84
C ILE C 138 -21.43 0.10 -7.55
N LEU C 139 -20.98 1.27 -7.96
CA LEU C 139 -21.84 2.21 -8.66
C LEU C 139 -22.20 1.70 -10.01
N THR C 140 -23.43 1.98 -10.42
CA THR C 140 -23.95 1.58 -11.71
C THR C 140 -24.73 2.77 -12.22
N SER C 141 -24.99 2.80 -13.51
CA SER C 141 -25.73 3.89 -14.10
C SER C 141 -26.48 3.46 -15.33
N GLU C 142 -27.33 4.32 -15.83
CA GLU C 142 -28.11 4.06 -17.00
C GLU C 142 -27.60 5.01 -18.00
N PRO C 143 -27.53 4.59 -19.23
CA PRO C 143 -27.07 5.48 -20.28
C PRO C 143 -28.07 6.58 -20.36
N VAL C 144 -27.62 7.77 -20.69
CA VAL C 144 -28.56 8.85 -20.80
C VAL C 144 -28.23 9.61 -22.05
N PRO C 145 -29.24 10.10 -22.72
CA PRO C 145 -29.07 10.77 -23.98
C PRO C 145 -28.25 12.02 -23.90
N ILE C 146 -27.36 12.20 -24.84
CA ILE C 146 -26.59 13.40 -24.89
C ILE C 146 -26.33 13.73 -26.35
N GLU C 147 -26.39 15.01 -26.69
CA GLU C 147 -26.17 15.42 -28.06
C GLU C 147 -24.70 15.65 -28.29
N TRP C 148 -24.10 14.78 -29.06
CA TRP C 148 -22.69 14.90 -29.37
C TRP C 148 -22.36 16.03 -30.29
N PRO C 149 -21.17 16.57 -30.12
CA PRO C 149 -20.71 17.66 -30.96
C PRO C 149 -20.46 17.04 -32.32
N GLN C 150 -20.53 17.82 -33.37
CA GLN C 150 -20.31 17.34 -34.72
C GLN C 150 -18.94 16.77 -35.04
N SER C 151 -17.92 17.41 -34.53
CA SER C 151 -16.57 16.96 -34.79
C SER C 151 -16.38 15.55 -34.32
N TYR C 152 -17.02 15.20 -33.23
CA TYR C 152 -16.91 13.87 -32.69
C TYR C 152 -17.81 12.94 -33.50
N ASP C 153 -18.49 13.53 -34.47
CA ASP C 153 -19.39 12.78 -35.31
C ASP C 153 -18.74 11.64 -36.02
N SER C 154 -17.53 11.85 -36.49
CA SER C 154 -16.89 10.77 -37.18
C SER C 154 -16.80 9.63 -36.23
N ILE C 155 -16.48 9.92 -34.98
CA ILE C 155 -16.39 8.84 -34.02
C ILE C 155 -17.58 8.64 -33.14
N ASN C 156 -18.68 9.32 -33.39
CA ASN C 156 -19.80 9.07 -32.51
C ASN C 156 -20.16 7.63 -32.77
N PRO C 157 -20.44 6.88 -31.73
CA PRO C 157 -20.78 5.49 -31.90
C PRO C 157 -21.97 5.26 -32.75
N ASP C 158 -23.00 6.05 -32.61
CA ASP C 158 -24.15 5.84 -33.43
C ASP C 158 -23.72 6.05 -34.86
N LEU C 159 -22.89 7.05 -35.07
CA LEU C 159 -22.38 7.39 -36.37
C LEU C 159 -21.46 6.39 -37.06
N ILE C 160 -20.60 5.72 -36.31
CA ILE C 160 -19.70 4.78 -36.94
C ILE C 160 -20.49 3.69 -37.66
N LYS C 161 -20.14 3.43 -38.92
CA LYS C 161 -20.83 2.41 -39.72
C LYS C 161 -20.65 0.96 -39.28
N ASP C 162 -19.41 0.59 -39.03
CA ASP C 162 -19.06 -0.75 -38.58
C ASP C 162 -18.04 -0.62 -37.50
N LYS C 163 -18.39 -1.05 -36.31
CA LYS C 163 -17.49 -0.96 -35.19
C LYS C 163 -16.25 -1.83 -35.36
N ARG C 164 -16.48 -3.02 -35.92
CA ARG C 164 -15.48 -4.06 -36.10
C ARG C 164 -14.28 -3.75 -37.02
N SER C 165 -14.53 -3.08 -38.12
CA SER C 165 -13.41 -2.79 -39.00
C SER C 165 -12.30 -2.24 -38.15
N PRO C 166 -11.09 -2.37 -38.62
CA PRO C 166 -9.92 -1.95 -37.85
C PRO C 166 -10.04 -0.48 -37.56
N GLU C 167 -10.50 0.31 -38.52
CA GLU C 167 -10.71 1.71 -38.24
C GLU C 167 -11.80 1.89 -37.21
N GLY C 168 -12.88 1.16 -37.39
CA GLY C 168 -14.00 1.30 -36.50
C GLY C 168 -13.55 0.91 -35.12
N LYS C 169 -12.76 -0.14 -35.09
CA LYS C 169 -12.27 -0.67 -33.85
C LYS C 169 -11.47 0.41 -33.17
N LYS C 170 -10.79 1.21 -33.96
CA LYS C 170 -9.90 2.24 -33.41
C LYS C 170 -10.61 3.57 -33.14
N LYS C 171 -11.46 3.97 -34.07
CA LYS C 171 -12.25 5.17 -33.88
C LYS C 171 -13.32 5.02 -32.83
N TYR C 172 -14.03 3.91 -32.86
CA TYR C 172 -15.11 3.69 -31.91
C TYR C 172 -14.54 3.65 -30.54
N ARG C 173 -13.46 2.97 -30.41
CA ARG C 173 -12.88 2.91 -29.11
C ARG C 173 -12.64 4.33 -28.66
N GLN C 174 -12.19 5.12 -29.67
CA GLN C 174 -11.88 6.49 -29.35
C GLN C 174 -13.06 7.23 -28.73
N GLY C 175 -14.24 7.03 -29.29
CA GLY C 175 -15.43 7.70 -28.80
C GLY C 175 -15.83 7.35 -27.39
N MET C 176 -15.71 6.08 -27.08
CA MET C 176 -16.09 5.59 -25.79
C MET C 176 -15.24 6.23 -24.75
N LYS C 177 -14.01 6.52 -25.12
CA LYS C 177 -13.06 7.12 -24.21
C LYS C 177 -13.33 8.58 -23.93
N THR C 178 -14.21 9.20 -24.71
CA THR C 178 -14.57 10.57 -24.47
C THR C 178 -15.53 10.68 -23.33
N ILE C 179 -15.73 11.90 -22.87
CA ILE C 179 -16.64 12.16 -21.79
C ILE C 179 -18.05 11.80 -22.20
N PHE C 180 -18.40 12.07 -23.44
CA PHE C 180 -19.72 11.76 -23.90
C PHE C 180 -19.86 10.29 -23.78
N GLY C 181 -18.77 9.59 -24.00
CA GLY C 181 -18.78 8.16 -23.92
C GLY C 181 -19.22 7.81 -22.53
N TRP C 182 -18.79 8.61 -21.58
CA TRP C 182 -19.07 8.36 -20.19
C TRP C 182 -20.54 8.36 -19.94
N PHE C 183 -21.24 9.24 -20.62
CA PHE C 183 -22.66 9.38 -20.35
C PHE C 183 -23.44 8.09 -20.57
N ARG C 184 -22.91 7.21 -21.42
CA ARG C 184 -23.55 5.91 -21.63
C ARG C 184 -22.95 4.80 -20.77
N TRP C 185 -22.05 5.19 -19.87
CA TRP C 185 -21.40 4.26 -18.99
C TRP C 185 -22.44 3.67 -18.06
N THR C 186 -22.41 2.36 -17.84
CA THR C 186 -23.35 1.78 -16.90
C THR C 186 -22.70 1.04 -15.74
N GLY C 187 -21.52 0.47 -15.99
CA GLY C 187 -20.84 -0.34 -15.00
C GLY C 187 -21.18 -1.82 -15.03
N LEU C 188 -21.78 -2.28 -16.12
CA LEU C 188 -22.23 -3.67 -16.19
C LEU C 188 -21.64 -4.42 -17.39
N LYS C 189 -20.95 -3.70 -18.25
CA LYS C 189 -20.24 -4.29 -19.39
C LYS C 189 -18.77 -3.96 -19.25
N PRO C 190 -18.10 -4.52 -18.23
CA PRO C 190 -16.69 -4.21 -17.97
C PRO C 190 -15.84 -4.24 -19.23
N GLY C 191 -15.01 -3.21 -19.43
CA GLY C 191 -14.11 -3.18 -20.57
C GLY C 191 -14.76 -3.14 -21.95
N LYS C 192 -16.00 -2.71 -21.98
CA LYS C 192 -16.75 -2.58 -23.20
C LYS C 192 -17.23 -1.14 -23.14
N GLU C 193 -16.91 -0.47 -22.05
CA GLU C 193 -17.31 0.91 -21.81
C GLU C 193 -16.23 1.90 -21.50
N PHE C 194 -16.67 3.11 -21.19
CA PHE C 194 -15.79 4.21 -20.87
C PHE C 194 -14.99 3.65 -19.73
N PRO C 195 -13.71 3.96 -19.71
CA PRO C 195 -12.80 3.44 -18.66
C PRO C 195 -12.92 4.14 -17.30
N HIS C 196 -13.03 3.36 -16.25
CA HIS C 196 -13.12 3.89 -14.90
C HIS C 196 -14.27 4.88 -14.73
N GLY C 197 -15.37 4.64 -15.45
CA GLY C 197 -16.53 5.52 -15.40
C GLY C 197 -17.07 5.70 -13.99
N ASP C 198 -16.82 4.72 -13.12
CA ASP C 198 -17.33 4.79 -11.76
C ASP C 198 -16.43 5.68 -10.93
N SER C 199 -15.14 5.58 -11.17
CA SER C 199 -14.21 6.39 -10.43
C SER C 199 -14.46 7.86 -10.73
N LEU C 200 -14.76 8.17 -11.99
CA LEU C 200 -15.10 9.53 -12.37
C LEU C 200 -16.37 9.97 -11.64
N ALA C 201 -17.36 9.09 -11.60
CA ALA C 201 -18.62 9.48 -10.98
C ALA C 201 -18.33 9.90 -9.57
N SER C 202 -17.58 9.07 -8.86
CA SER C 202 -17.25 9.28 -7.46
C SER C 202 -16.37 10.50 -7.28
N LEU C 203 -15.53 10.75 -8.26
CA LEU C 203 -14.79 11.98 -8.32
C LEU C 203 -15.76 13.17 -8.16
N PHE C 204 -16.86 13.15 -8.91
CA PHE C 204 -17.87 14.21 -8.86
C PHE C 204 -18.67 14.34 -7.56
N SER C 205 -19.11 13.23 -6.99
CA SER C 205 -19.95 13.34 -5.80
C SER C 205 -19.13 13.42 -4.52
N GLU C 206 -17.85 13.12 -4.60
CA GLU C 206 -17.04 13.12 -3.39
C GLU C 206 -16.03 14.27 -3.31
N GLU C 207 -15.64 14.80 -4.46
CA GLU C 207 -14.62 15.83 -4.50
C GLU C 207 -15.04 17.07 -5.29
N ILE C 208 -15.12 16.95 -6.61
CA ILE C 208 -15.36 18.11 -7.44
C ILE C 208 -16.55 18.94 -7.00
N TYR C 209 -17.64 18.29 -6.61
CA TYR C 209 -18.81 19.05 -6.18
C TYR C 209 -18.74 19.56 -4.74
N PRO C 210 -18.52 18.67 -3.76
CA PRO C 210 -18.54 19.16 -2.38
C PRO C 210 -17.47 20.22 -2.10
N PHE C 211 -16.36 20.17 -2.83
CA PHE C 211 -15.25 21.08 -2.59
C PHE C 211 -14.90 21.98 -3.78
N CYS C 212 -15.84 22.24 -4.67
CA CYS C 212 -15.56 23.09 -5.83
C CYS C 212 -14.95 24.44 -5.42
N VAL C 213 -15.45 25.02 -4.35
CA VAL C 213 -14.96 26.29 -3.91
C VAL C 213 -13.48 26.27 -3.62
N LYS C 214 -13.03 25.30 -2.86
CA LYS C 214 -11.63 25.28 -2.53
C LYS C 214 -10.84 25.21 -3.80
N TYR C 215 -11.31 24.44 -4.74
CA TYR C 215 -10.60 24.33 -5.98
C TYR C 215 -10.56 25.67 -6.69
N TYR C 216 -11.66 26.38 -6.67
CA TYR C 216 -11.72 27.65 -7.35
C TYR C 216 -10.73 28.60 -6.73
N ALA C 217 -10.67 28.57 -5.43
CA ALA C 217 -9.79 29.43 -4.71
C ALA C 217 -8.35 29.10 -5.06
N GLU C 218 -8.02 27.84 -5.02
CA GLU C 218 -6.67 27.45 -5.28
C GLU C 218 -6.33 27.93 -6.64
N ALA C 219 -7.28 27.88 -7.54
CA ALA C 219 -7.03 28.35 -8.88
C ALA C 219 -6.69 29.82 -8.89
N GLN C 220 -7.43 30.61 -8.13
CA GLN C 220 -7.17 32.04 -8.07
C GLN C 220 -5.77 32.29 -7.56
N ARG C 221 -5.38 31.59 -6.51
CA ARG C 221 -4.08 31.79 -5.95
C ARG C 221 -3.04 31.44 -6.98
N ASP C 222 -3.25 30.36 -7.69
CA ASP C 222 -2.30 29.93 -8.70
C ASP C 222 -2.24 31.02 -9.73
N LEU C 223 -3.40 31.62 -9.98
CA LEU C 223 -3.51 32.69 -10.96
C LEU C 223 -2.74 33.94 -10.63
#